data_5VU9
#
_entry.id   5VU9
#
_cell.length_a   69.139
_cell.length_b   110.920
_cell.length_c   151.069
_cell.angle_alpha   90.00
_cell.angle_beta   90.00
_cell.angle_gamma   90.00
#
_symmetry.space_group_name_H-M   'P 2 21 21'
#
loop_
_entity.id
_entity.type
_entity.pdbx_description
1 polymer 'DNA polymerase'
2 polymer 'DNA template'
3 polymer 'DNA/TNA hybrid primer'
4 water water
#
loop_
_entity_poly.entity_id
_entity_poly.type
_entity_poly.pdbx_seq_one_letter_code
_entity_poly.pdbx_strand_id
1 'polypeptide(L)'
;MILDTDYITEDGKPVIRIFKKENGEFKIEYDRTFEPYFYALLKDDSAIEEVKKITAERHGTVVTVKRVEKVQKKFLGRPV
EVWKLYFTHPQDVPAIRDKIREHPAVIDIYEYDIPFAKRYLIDKGLVPMEGDEELKMLAFAIATLYHEGEEFAEGPILMI
SYADEEGARVITWKNVDLPYVDVVSTEREMIKRFLRVVKEKDPDVLITYNGDNFDFAYLKKRCEKLGINFALGRDGSEPK
IQRMGDRFAVEVKGRIHFDLYPVIRRTINLPTYTLEAVYEAVFGQPKEKVYAEEITTAWETGENLERVARYSMEDAKVTY
ELGKEFLPMEAQLSRLIGQSLWDVSRSSTGNLVEWFLLRKAYERNELAPNKPDEKELARRRQSYEGGYVKEPERGLWENI
VYLDFRSLYPSIIITHNVSPDTLNREGCKEYDVAPQVGHRFCKDFPGFIPSLLGDLLEERQKIKKKMKATIDPIERKLLD
YRQRRIKILANSYYGYYGYARARWYCKECAESVTAWGREYITMTIKEIEEKYGFKVIYSDTDGFFATIPGADAETVKKKA
MEFLKYINAKLPGALELEYEGFYKRGFFVTKKKYAVIDEEGKITTRGLEIVRRDWSEIAKETQARVLEALLKDGDVEKAV
RIVKEVTEKLSKYEVPPEKLVIHIQITRDLKDYKATGPHVAVAKRLAARGVKIRPGTVISYIVLKGSGRIGDRAIPFDEF
DPTKHKYDAEYYIENQVLPAVERILRAFGYRKEDLRYQKTRQVGLSAWLKPKGT
;
A
2 'polydeoxyribonucleotide' (DA)(DA)(DA)(DT)(DT)(DC)(DG)(DC)(DA)(DG)(DT)(DT)(DC)(DG)(DC)(DG) T
3 'polydeoxyribonucleotide' (DC)(DG)(DC)(DG)(DA)(DA)(DC)(DT)(DG)(DC)(DG)(FA2)(FA2) P
#
loop_
_chem_comp.id
_chem_comp.type
_chem_comp.name
_chem_comp.formula
DA DNA linking 2'-DEOXYADENOSINE-5'-MONOPHOSPHATE 'C10 H14 N5 O6 P'
DC DNA linking 2'-DEOXYCYTIDINE-5'-MONOPHOSPHATE 'C9 H14 N3 O7 P'
DG DNA linking 2'-DEOXYGUANOSINE-5'-MONOPHOSPHATE 'C10 H14 N5 O7 P'
DT DNA linking THYMIDINE-5'-MONOPHOSPHATE 'C10 H15 N2 O8 P'
FA2 RNA linking '5-(6-AMINO-9H-PURIN-9-YL)-4-HYDROXYTETRAHYDROFURAN-3-YL DIHYDROGEN PHOSPHATE' 'C9 H12 N5 O6 P'
#
# COMPACT_ATOMS: atom_id res chain seq x y z
N MET A 1 -19.54 10.93 -14.66
CA MET A 1 -18.61 10.29 -13.73
C MET A 1 -18.83 10.81 -12.33
N ILE A 2 -19.08 9.88 -11.41
CA ILE A 2 -19.24 10.23 -10.01
C ILE A 2 -17.87 10.41 -9.39
N LEU A 3 -17.67 11.57 -8.75
CA LEU A 3 -16.44 11.86 -8.05
C LEU A 3 -16.51 11.49 -6.58
N ASP A 4 -17.64 11.74 -5.93
CA ASP A 4 -17.68 11.58 -4.49
C ASP A 4 -19.12 11.80 -4.05
N THR A 5 -19.39 11.40 -2.81
CA THR A 5 -20.65 11.67 -2.15
C THR A 5 -20.38 12.17 -0.74
N ASP A 6 -21.29 12.98 -0.24
CA ASP A 6 -21.32 13.25 1.18
C ASP A 6 -22.76 13.58 1.53
N TYR A 7 -23.00 14.05 2.76
CA TYR A 7 -24.32 14.61 3.07
C TYR A 7 -24.19 15.87 3.90
N ILE A 8 -25.28 16.64 3.94
CA ILE A 8 -25.43 17.75 4.83
C ILE A 8 -26.76 17.60 5.55
N THR A 9 -27.03 18.48 6.51
CA THR A 9 -28.25 18.38 7.29
C THR A 9 -29.07 19.64 7.11
N GLU A 10 -30.31 19.47 6.68
CA GLU A 10 -31.26 20.56 6.48
C GLU A 10 -32.47 20.25 7.36
N ASP A 11 -32.74 21.14 8.31
CA ASP A 11 -33.84 20.97 9.25
C ASP A 11 -33.82 19.58 9.89
N GLY A 12 -32.64 19.13 10.27
CA GLY A 12 -32.49 17.88 10.98
C GLY A 12 -32.54 16.64 10.11
N LYS A 13 -32.74 16.78 8.78
CA LYS A 13 -32.83 15.69 7.81
C LYS A 13 -31.58 15.63 6.94
N PRO A 14 -31.12 14.42 6.61
CA PRO A 14 -29.91 14.29 5.80
C PRO A 14 -30.18 14.49 4.32
N VAL A 15 -29.24 15.14 3.66
CA VAL A 15 -29.35 15.43 2.24
C VAL A 15 -28.05 14.94 1.60
N ILE A 16 -28.15 13.84 0.86
CA ILE A 16 -26.97 13.33 0.18
C ILE A 16 -26.58 14.29 -0.93
N ARG A 17 -25.27 14.45 -1.16
CA ARG A 17 -24.77 15.16 -2.33
C ARG A 17 -23.90 14.23 -3.14
N ILE A 18 -24.19 14.16 -4.43
CA ILE A 18 -23.39 13.38 -5.36
C ILE A 18 -22.64 14.37 -6.23
N PHE A 19 -21.32 14.29 -6.22
CA PHE A 19 -20.47 15.21 -6.96
C PHE A 19 -20.09 14.54 -8.26
N LYS A 20 -20.43 15.16 -9.38
CA LYS A 20 -20.25 14.52 -10.68
C LYS A 20 -19.53 15.45 -11.66
N LYS A 21 -18.93 14.83 -12.66
CA LYS A 21 -18.33 15.52 -13.81
C LYS A 21 -18.88 14.84 -15.05
N GLU A 22 -19.71 15.57 -15.83
CA GLU A 22 -20.40 15.00 -16.98
C GLU A 22 -20.26 15.95 -18.17
N ASN A 23 -19.68 15.44 -19.26
CA ASN A 23 -19.50 16.24 -20.47
C ASN A 23 -18.65 17.48 -20.21
N GLY A 24 -17.68 17.37 -19.31
CA GLY A 24 -16.87 18.51 -18.96
C GLY A 24 -17.51 19.49 -18.02
N GLU A 25 -18.66 19.15 -17.42
CA GLU A 25 -19.41 20.08 -16.57
C GLU A 25 -19.52 19.49 -15.16
N PHE A 26 -19.07 20.27 -14.17
CA PHE A 26 -19.25 19.89 -12.78
C PHE A 26 -20.71 20.01 -12.38
N LYS A 27 -21.22 19.03 -11.64
CA LYS A 27 -22.61 19.08 -11.22
C LYS A 27 -22.81 18.40 -9.88
N ILE A 28 -23.74 18.94 -9.10
CA ILE A 28 -24.07 18.35 -7.81
C ILE A 28 -25.51 17.85 -7.90
N GLU A 29 -25.72 16.58 -7.59
CA GLU A 29 -27.06 16.06 -7.48
C GLU A 29 -27.42 15.93 -6.01
N TYR A 30 -28.69 16.17 -5.70
CA TYR A 30 -29.16 16.11 -4.32
C TYR A 30 -30.18 14.99 -4.14
N ASP A 31 -30.07 14.23 -3.05
CA ASP A 31 -31.05 13.19 -2.78
C ASP A 31 -31.53 13.32 -1.35
N ARG A 32 -32.81 13.67 -1.18
CA ARG A 32 -33.43 13.84 0.12
C ARG A 32 -34.21 12.62 0.58
N THR A 33 -34.14 11.50 -0.15
CA THR A 33 -35.02 10.39 0.13
C THR A 33 -34.33 9.22 0.84
N PHE A 34 -33.03 9.28 1.09
CA PHE A 34 -32.32 8.12 1.60
C PHE A 34 -32.36 8.07 3.13
N GLU A 35 -32.86 6.98 3.67
CA GLU A 35 -33.01 6.77 5.09
C GLU A 35 -31.95 5.91 5.75
N PRO A 36 -31.31 6.47 6.84
CA PRO A 36 -30.33 5.61 7.48
C PRO A 36 -30.92 4.44 8.24
N TYR A 37 -30.19 3.37 8.35
CA TYR A 37 -30.63 2.17 9.02
C TYR A 37 -29.55 1.24 9.50
N PHE A 38 -29.99 0.26 10.25
CA PHE A 38 -29.20 -0.82 10.71
C PHE A 38 -30.11 -2.00 10.98
N TYR A 39 -29.58 -3.15 11.33
CA TYR A 39 -30.39 -4.32 11.52
C TYR A 39 -30.36 -4.85 12.92
N ALA A 40 -31.39 -5.54 13.30
CA ALA A 40 -31.43 -6.14 14.62
C ALA A 40 -31.95 -7.56 14.53
N LEU A 41 -31.30 -8.47 15.25
CA LEU A 41 -31.72 -9.85 15.38
C LEU A 41 -32.40 -10.05 16.74
N LEU A 42 -33.68 -10.40 16.71
CA LEU A 42 -34.44 -10.60 17.95
C LEU A 42 -34.73 -12.07 18.26
N LYS A 43 -35.07 -12.34 19.52
CA LYS A 43 -35.35 -13.70 19.95
C LYS A 43 -36.82 -14.05 19.70
N ASP A 44 -37.65 -13.03 19.49
CA ASP A 44 -39.06 -13.23 19.24
C ASP A 44 -39.65 -12.09 18.40
N ASP A 45 -40.96 -11.98 18.40
CA ASP A 45 -41.64 -10.94 17.65
C ASP A 45 -42.26 -9.90 18.57
N SER A 46 -42.85 -10.37 19.68
CA SER A 46 -43.47 -9.48 20.66
C SER A 46 -42.44 -8.57 21.32
N ALA A 47 -41.18 -8.73 20.92
CA ALA A 47 -40.10 -7.92 21.47
C ALA A 47 -39.88 -6.65 20.65
N ILE A 48 -40.39 -6.65 19.43
CA ILE A 48 -40.26 -5.50 18.54
C ILE A 48 -41.05 -4.32 19.06
N GLU A 49 -42.25 -4.57 19.59
CA GLU A 49 -43.06 -3.48 20.11
C GLU A 49 -42.32 -2.73 21.22
N GLU A 50 -41.59 -3.46 22.05
CA GLU A 50 -40.77 -2.82 23.08
C GLU A 50 -39.60 -2.08 22.45
N VAL A 51 -39.01 -2.66 21.40
CA VAL A 51 -37.76 -2.12 20.87
C VAL A 51 -38.01 -0.78 20.18
N LYS A 52 -39.14 -0.64 19.48
CA LYS A 52 -39.45 0.64 18.88
C LYS A 52 -39.47 1.75 19.92
N LYS A 53 -39.76 1.39 21.17
CA LYS A 53 -39.82 2.35 22.26
C LYS A 53 -38.44 2.93 22.55
N ILE A 54 -37.40 2.10 22.39
CA ILE A 54 -36.03 2.54 22.63
C ILE A 54 -35.76 3.91 22.01
N THR A 55 -34.99 4.73 22.72
CA THR A 55 -34.66 6.06 22.24
C THR A 55 -33.38 6.58 22.91
N ALA A 56 -32.86 7.69 22.39
CA ALA A 56 -31.65 8.29 22.92
C ALA A 56 -31.67 9.80 22.76
N GLU A 57 -30.51 10.44 22.90
CA GLU A 57 -30.39 11.88 22.77
C GLU A 57 -29.05 12.21 22.13
N ARG A 58 -29.03 13.30 21.36
CA ARG A 58 -27.80 13.81 20.77
C ARG A 58 -27.76 15.34 20.85
N HIS A 59 -28.59 15.99 20.04
CA HIS A 59 -28.65 17.45 20.02
C HIS A 59 -29.87 17.96 20.80
N GLY A 60 -29.90 17.66 22.09
CA GLY A 60 -31.01 18.08 22.93
C GLY A 60 -32.27 17.28 22.69
N THR A 61 -32.70 17.24 21.43
CA THR A 61 -33.90 16.51 21.06
C THR A 61 -33.74 15.01 21.32
N VAL A 62 -34.86 14.30 21.36
CA VAL A 62 -34.84 12.87 21.59
C VAL A 62 -34.64 12.15 20.26
N VAL A 63 -33.98 10.99 20.32
CA VAL A 63 -33.74 10.14 19.17
C VAL A 63 -34.67 8.94 19.27
N THR A 64 -35.36 8.63 18.17
CA THR A 64 -36.32 7.55 18.17
C THR A 64 -36.15 6.71 16.91
N VAL A 65 -36.78 5.54 16.91
CA VAL A 65 -36.84 4.67 15.74
C VAL A 65 -37.97 5.15 14.84
N LYS A 66 -37.63 5.54 13.60
CA LYS A 66 -38.63 6.08 12.69
C LYS A 66 -39.63 4.99 12.29
N ARG A 67 -39.15 3.90 11.70
CA ARG A 67 -40.02 2.80 11.33
C ARG A 67 -39.23 1.51 11.37
N VAL A 68 -39.96 0.40 11.29
CA VAL A 68 -39.41 -0.94 11.44
C VAL A 68 -39.94 -1.81 10.32
N GLU A 69 -39.11 -2.73 9.84
CA GLU A 69 -39.47 -3.54 8.68
C GLU A 69 -38.81 -4.90 8.88
N LYS A 70 -39.60 -5.97 8.86
CA LYS A 70 -39.06 -7.32 8.96
C LYS A 70 -38.59 -7.81 7.59
N VAL A 71 -37.35 -8.27 7.51
CA VAL A 71 -36.82 -8.70 6.22
C VAL A 71 -36.12 -10.05 6.37
N GLN A 72 -35.93 -10.71 5.24
CA GLN A 72 -35.24 -12.00 5.19
C GLN A 72 -33.91 -11.81 4.50
N LYS A 73 -32.83 -12.24 5.15
CA LYS A 73 -31.49 -12.08 4.62
C LYS A 73 -30.68 -13.34 4.85
N LYS A 74 -29.76 -13.63 3.94
CA LYS A 74 -28.80 -14.69 4.16
C LYS A 74 -27.73 -14.20 5.13
N PHE A 75 -27.38 -15.04 6.09
CA PHE A 75 -26.22 -14.80 6.94
C PHE A 75 -25.36 -16.05 6.95
N LEU A 76 -24.09 -15.90 6.56
CA LEU A 76 -23.20 -17.03 6.37
C LEU A 76 -23.91 -18.16 5.63
N GLY A 77 -24.49 -17.81 4.49
CA GLY A 77 -25.12 -18.79 3.63
C GLY A 77 -26.45 -19.35 4.12
N ARG A 78 -26.86 -19.01 5.34
CA ARG A 78 -28.12 -19.54 5.88
C ARG A 78 -29.15 -18.43 5.98
N PRO A 79 -30.37 -18.68 5.49
CA PRO A 79 -31.38 -17.62 5.56
C PRO A 79 -31.64 -17.22 7.01
N VAL A 80 -31.94 -15.93 7.21
CA VAL A 80 -32.20 -15.40 8.53
C VAL A 80 -33.25 -14.30 8.42
N GLU A 81 -33.97 -14.08 9.51
CA GLU A 81 -35.03 -13.09 9.55
C GLU A 81 -34.61 -12.02 10.55
N VAL A 82 -34.54 -10.77 10.10
CA VAL A 82 -33.98 -9.69 10.90
C VAL A 82 -34.89 -8.47 10.80
N TRP A 83 -34.87 -7.64 11.85
CA TRP A 83 -35.66 -6.42 11.89
C TRP A 83 -34.80 -5.22 11.48
N LYS A 84 -35.17 -4.59 10.37
CA LYS A 84 -34.47 -3.43 9.84
C LYS A 84 -35.03 -2.18 10.53
N LEU A 85 -34.15 -1.42 11.17
CA LEU A 85 -34.57 -0.24 11.92
C LEU A 85 -34.13 1.02 11.17
N TYR A 86 -35.11 1.85 10.82
CA TYR A 86 -34.85 3.10 10.12
C TYR A 86 -34.82 4.27 11.09
N PHE A 87 -34.06 5.30 10.74
CA PHE A 87 -33.89 6.48 11.58
C PHE A 87 -33.95 7.73 10.73
N THR A 88 -34.20 8.86 11.38
CA THR A 88 -34.31 10.11 10.63
C THR A 88 -32.95 10.60 10.16
N HIS A 89 -31.93 10.52 11.01
CA HIS A 89 -30.64 11.14 10.73
C HIS A 89 -29.53 10.13 10.97
N PRO A 90 -28.51 10.11 10.11
CA PRO A 90 -27.47 9.08 10.28
C PRO A 90 -26.79 9.14 11.63
N GLN A 91 -26.66 10.34 12.20
CA GLN A 91 -26.01 10.43 13.49
C GLN A 91 -26.88 9.87 14.61
N ASP A 92 -28.18 9.70 14.37
CA ASP A 92 -29.02 8.96 15.29
C ASP A 92 -28.44 7.58 15.62
N VAL A 93 -27.79 6.95 14.65
CA VAL A 93 -27.43 5.54 14.78
C VAL A 93 -26.37 5.36 15.86
N PRO A 94 -25.25 6.09 15.81
CA PRO A 94 -24.25 5.97 16.90
C PRO A 94 -24.82 6.27 18.27
N ALA A 95 -25.86 7.09 18.34
CA ALA A 95 -26.34 7.54 19.64
C ALA A 95 -27.26 6.53 20.30
N ILE A 96 -28.01 5.77 19.50
CA ILE A 96 -29.00 4.86 20.03
C ILE A 96 -28.59 3.39 19.91
N ARG A 97 -27.55 3.07 19.13
CA ARG A 97 -27.27 1.67 18.80
C ARG A 97 -26.86 0.88 20.02
N ASP A 98 -26.01 1.45 20.90
CA ASP A 98 -25.60 0.71 22.08
C ASP A 98 -26.79 0.34 22.94
N LYS A 99 -27.66 1.32 23.23
CA LYS A 99 -28.83 1.03 24.04
C LYS A 99 -29.75 -0.01 23.39
N ILE A 100 -29.81 -0.04 22.07
CA ILE A 100 -30.66 -1.04 21.43
C ILE A 100 -30.01 -2.43 21.44
N ARG A 101 -28.68 -2.51 21.38
CA ARG A 101 -28.02 -3.79 21.61
C ARG A 101 -28.17 -4.23 23.06
N GLU A 102 -28.05 -3.30 24.01
CA GLU A 102 -28.17 -3.62 25.43
C GLU A 102 -29.47 -4.33 25.75
N HIS A 103 -30.51 -4.13 24.93
CA HIS A 103 -31.81 -4.66 25.25
C HIS A 103 -31.73 -6.18 25.43
N PRO A 104 -32.37 -6.72 26.47
CA PRO A 104 -32.30 -8.18 26.68
C PRO A 104 -32.75 -8.97 25.46
N ALA A 105 -33.77 -8.47 24.77
CA ALA A 105 -34.42 -9.23 23.72
C ALA A 105 -33.59 -9.28 22.44
N VAL A 106 -32.63 -8.37 22.28
CA VAL A 106 -31.88 -8.28 21.04
C VAL A 106 -30.63 -9.14 21.16
N ILE A 107 -30.52 -10.13 20.27
CA ILE A 107 -29.35 -10.99 20.22
C ILE A 107 -28.15 -10.20 19.72
N ASP A 108 -28.27 -9.60 18.54
CA ASP A 108 -27.17 -8.84 17.94
C ASP A 108 -27.75 -7.80 17.00
N ILE A 109 -26.93 -6.80 16.66
CA ILE A 109 -27.27 -5.84 15.63
C ILE A 109 -26.17 -5.85 14.57
N TYR A 110 -26.53 -5.44 13.35
CA TYR A 110 -25.60 -5.50 12.24
C TYR A 110 -25.66 -4.24 11.39
N GLU A 111 -24.57 -4.00 10.65
CA GLU A 111 -24.49 -2.94 9.66
C GLU A 111 -24.88 -1.60 10.30
N TYR A 112 -24.33 -1.37 11.49
CA TYR A 112 -24.62 -0.19 12.27
C TYR A 112 -23.50 0.85 12.22
N ASP A 113 -22.42 0.59 11.47
CA ASP A 113 -21.24 1.43 11.51
C ASP A 113 -20.70 1.69 10.11
N ILE A 114 -21.59 1.88 9.16
CA ILE A 114 -21.26 2.13 7.75
C ILE A 114 -21.57 3.61 7.47
N PRO A 115 -20.57 4.44 7.17
CA PRO A 115 -20.85 5.87 6.97
C PRO A 115 -21.91 6.13 5.91
N PHE A 116 -22.84 7.04 6.25
CA PHE A 116 -24.04 7.28 5.46
C PHE A 116 -23.73 7.49 3.97
N ALA A 117 -22.67 8.22 3.64
CA ALA A 117 -22.44 8.50 2.22
C ALA A 117 -21.87 7.30 1.47
N LYS A 118 -21.25 6.35 2.18
CA LYS A 118 -20.75 5.14 1.52
C LYS A 118 -21.86 4.12 1.43
N ARG A 119 -22.67 4.04 2.49
CA ARG A 119 -23.92 3.29 2.42
C ARG A 119 -24.71 3.68 1.17
N TYR A 120 -24.70 4.97 0.83
CA TYR A 120 -25.50 5.41 -0.30
C TYR A 120 -24.92 4.91 -1.61
N LEU A 121 -23.60 5.02 -1.76
CA LEU A 121 -22.97 4.51 -2.98
C LEU A 121 -23.30 3.03 -3.17
N ILE A 122 -23.26 2.27 -2.08
CA ILE A 122 -23.51 0.83 -2.16
C ILE A 122 -24.98 0.57 -2.46
N ASP A 123 -25.88 1.11 -1.63
CA ASP A 123 -27.28 0.70 -1.77
C ASP A 123 -27.88 1.14 -3.10
N LYS A 124 -27.38 2.22 -3.67
CA LYS A 124 -27.86 2.71 -4.96
C LYS A 124 -27.08 2.12 -6.12
N GLY A 125 -26.17 1.19 -5.88
CA GLY A 125 -25.34 0.64 -6.94
C GLY A 125 -24.59 1.66 -7.76
N LEU A 126 -24.16 2.76 -7.15
CA LEU A 126 -23.33 3.77 -7.81
C LEU A 126 -21.85 3.43 -7.70
N VAL A 127 -21.11 3.75 -8.76
CA VAL A 127 -19.71 3.39 -8.88
C VAL A 127 -18.95 4.64 -9.28
N PRO A 128 -18.02 5.13 -8.46
CA PRO A 128 -17.24 6.32 -8.83
C PRO A 128 -16.25 6.04 -9.94
N MET A 129 -15.88 7.10 -10.65
CA MET A 129 -14.76 7.05 -11.60
C MET A 129 -15.04 6.10 -12.78
N GLU A 130 -16.30 5.99 -13.19
CA GLU A 130 -16.67 5.25 -14.39
C GLU A 130 -16.70 6.14 -15.62
N GLY A 131 -16.26 5.61 -16.74
CA GLY A 131 -16.32 6.32 -18.01
C GLY A 131 -14.99 6.94 -18.39
N ASP A 132 -15.03 7.76 -19.45
CA ASP A 132 -13.82 8.33 -20.02
C ASP A 132 -13.75 9.85 -19.84
N GLU A 133 -14.45 10.39 -18.86
CA GLU A 133 -14.41 11.81 -18.62
C GLU A 133 -13.02 12.29 -18.17
N GLU A 134 -12.38 13.13 -18.99
CA GLU A 134 -11.07 13.67 -18.65
C GLU A 134 -11.19 14.58 -17.43
N LEU A 135 -10.32 14.38 -16.45
CA LEU A 135 -10.31 15.19 -15.24
C LEU A 135 -9.21 16.24 -15.35
N LYS A 136 -9.54 17.48 -15.01
CA LYS A 136 -8.55 18.53 -14.99
C LYS A 136 -7.78 18.48 -13.68
N MET A 137 -6.45 18.51 -13.77
CA MET A 137 -5.61 18.32 -12.59
C MET A 137 -4.69 19.51 -12.36
N LEU A 138 -4.40 19.75 -11.09
CA LEU A 138 -3.53 20.86 -10.69
C LEU A 138 -2.74 20.41 -9.46
N ALA A 139 -1.41 20.44 -9.58
CA ALA A 139 -0.56 20.22 -8.40
C ALA A 139 -0.26 21.57 -7.76
N PHE A 140 -0.01 21.56 -6.44
CA PHE A 140 0.53 22.77 -5.81
C PHE A 140 1.45 22.38 -4.68
N ALA A 141 2.37 23.28 -4.37
CA ALA A 141 3.24 23.12 -3.21
C ALA A 141 3.50 24.50 -2.62
N ILE A 142 4.07 24.53 -1.42
CA ILE A 142 4.38 25.79 -0.75
C ILE A 142 5.80 25.72 -0.22
N ALA A 143 6.38 26.90 -0.04
CA ALA A 143 7.65 27.10 0.63
C ALA A 143 7.41 28.08 1.77
N THR A 144 7.89 27.74 2.96
CA THR A 144 7.60 28.50 4.18
C THR A 144 8.88 28.95 4.86
N LEU A 145 8.73 29.85 5.83
CA LEU A 145 9.84 30.40 6.60
C LEU A 145 9.92 29.61 7.91
N TYR A 146 10.89 28.71 8.00
CA TYR A 146 11.05 27.85 9.18
C TYR A 146 12.18 28.34 10.08
N HIS A 147 11.96 28.27 11.39
CA HIS A 147 12.94 28.60 12.42
C HIS A 147 12.90 27.54 13.51
N GLU A 148 14.06 27.14 14.00
CA GLU A 148 14.13 26.12 15.05
C GLU A 148 13.09 26.39 16.12
N GLY A 149 12.35 25.36 16.50
CA GLY A 149 11.32 25.51 17.52
C GLY A 149 10.17 26.34 17.00
N GLU A 150 9.86 27.42 17.72
CA GLU A 150 8.79 28.32 17.34
C GLU A 150 7.41 27.75 17.67
N GLU A 151 6.57 27.61 16.65
CA GLU A 151 5.22 27.07 16.83
C GLU A 151 5.03 26.75 15.35
N PHE A 152 4.14 25.79 15.09
CA PHE A 152 3.83 25.40 13.73
C PHE A 152 3.21 26.56 12.98
N ALA A 153 3.77 26.88 11.81
CA ALA A 153 3.22 27.91 10.93
C ALA A 153 3.34 29.31 11.56
N GLU A 154 4.30 29.51 12.46
CA GLU A 154 4.52 30.85 12.99
C GLU A 154 5.10 31.77 11.91
N GLY A 155 5.94 31.23 11.03
CA GLY A 155 6.46 31.99 9.92
C GLY A 155 5.48 32.02 8.74
N PRO A 156 5.63 33.02 7.87
CA PRO A 156 4.73 33.12 6.72
C PRO A 156 5.03 32.06 5.68
N ILE A 157 4.05 31.85 4.80
CA ILE A 157 4.32 31.17 3.56
C ILE A 157 5.08 32.13 2.66
N LEU A 158 6.15 31.65 2.03
CA LEU A 158 6.98 32.51 1.22
C LEU A 158 6.62 32.42 -0.26
N MET A 159 6.25 31.24 -0.72
CA MET A 159 5.90 31.02 -2.11
C MET A 159 4.85 29.94 -2.18
N ILE A 160 3.96 30.06 -3.16
CA ILE A 160 3.05 29.00 -3.55
C ILE A 160 3.28 28.70 -5.02
N SER A 161 3.53 27.44 -5.33
CA SER A 161 3.77 27.05 -6.72
C SER A 161 2.68 26.08 -7.17
N TYR A 162 2.45 26.06 -8.48
CA TYR A 162 1.44 25.17 -9.02
C TYR A 162 1.86 24.72 -10.40
N ALA A 163 1.23 23.65 -10.87
CA ALA A 163 1.64 23.12 -12.15
C ALA A 163 0.50 22.28 -12.72
N ASP A 164 0.32 22.38 -14.02
CA ASP A 164 -0.60 21.53 -14.79
C ASP A 164 -0.06 21.43 -16.22
N GLU A 165 -0.94 21.10 -17.16
CA GLU A 165 -0.49 20.91 -18.54
C GLU A 165 0.16 22.18 -19.11
N GLU A 166 -0.22 23.35 -18.59
CA GLU A 166 0.30 24.62 -19.10
C GLU A 166 1.66 24.96 -18.54
N GLY A 167 2.16 24.20 -17.59
CA GLY A 167 3.47 24.43 -17.02
C GLY A 167 3.37 24.68 -15.54
N ALA A 168 4.47 25.16 -14.96
CA ALA A 168 4.58 25.36 -13.53
C ALA A 168 4.91 26.83 -13.28
N ARG A 169 4.25 27.41 -12.26
CA ARG A 169 4.51 28.78 -11.86
C ARG A 169 4.66 28.86 -10.35
N VAL A 170 5.28 29.96 -9.89
CA VAL A 170 5.49 30.28 -8.48
C VAL A 170 4.91 31.67 -8.22
N ILE A 171 4.05 31.77 -7.21
CA ILE A 171 3.57 33.05 -6.69
C ILE A 171 4.38 33.40 -5.46
N THR A 172 4.92 34.61 -5.41
CA THR A 172 5.70 35.01 -4.24
C THR A 172 5.55 36.52 -4.02
N TRP A 173 6.01 36.98 -2.86
CA TRP A 173 5.87 38.40 -2.52
C TRP A 173 7.21 39.08 -2.28
N LYS A 174 8.25 38.61 -2.96
CA LYS A 174 9.48 39.38 -3.16
C LYS A 174 9.87 39.27 -4.63
N ASN A 175 10.58 40.27 -5.13
CA ASN A 175 10.96 40.27 -6.54
C ASN A 175 11.95 39.15 -6.83
N VAL A 176 11.66 38.34 -7.85
CA VAL A 176 12.54 37.26 -8.28
C VAL A 176 12.55 37.28 -9.80
N ASP A 177 13.74 37.39 -10.39
CA ASP A 177 13.86 37.61 -11.84
C ASP A 177 13.86 36.26 -12.55
N LEU A 178 12.68 35.64 -12.63
CA LEU A 178 12.50 34.37 -13.35
C LEU A 178 11.17 34.39 -14.09
N PRO A 179 11.14 33.87 -15.32
CA PRO A 179 9.94 34.04 -16.16
C PRO A 179 8.69 33.35 -15.65
N TYR A 180 8.81 32.30 -14.84
CA TYR A 180 7.63 31.61 -14.31
C TYR A 180 7.24 32.09 -12.91
N VAL A 181 7.80 33.19 -12.42
CA VAL A 181 7.46 33.72 -11.11
C VAL A 181 6.49 34.89 -11.26
N ASP A 182 5.39 34.85 -10.53
CA ASP A 182 4.47 35.99 -10.45
C ASP A 182 4.62 36.66 -9.09
N VAL A 183 4.89 37.96 -9.12
CA VAL A 183 5.26 38.72 -7.93
C VAL A 183 4.04 39.51 -7.47
N VAL A 184 3.73 39.41 -6.18
CA VAL A 184 2.70 40.21 -5.55
C VAL A 184 3.30 40.86 -4.30
N SER A 185 2.50 41.68 -3.61
CA SER A 185 3.09 42.59 -2.62
C SER A 185 3.14 42.01 -1.21
N THR A 186 2.26 41.07 -0.85
CA THR A 186 2.24 40.53 0.50
C THR A 186 1.90 39.05 0.49
N GLU A 187 2.08 38.43 1.67
CA GLU A 187 1.66 37.05 1.86
C GLU A 187 0.17 36.90 1.60
N ARG A 188 -0.62 37.83 2.13
CA ARG A 188 -2.07 37.77 1.93
C ARG A 188 -2.43 37.78 0.44
N GLU A 189 -1.79 38.66 -0.34
CA GLU A 189 -2.10 38.73 -1.76
C GLU A 189 -1.61 37.50 -2.51
N MET A 190 -0.58 36.83 -2.01
CA MET A 190 -0.08 35.65 -2.67
C MET A 190 -1.08 34.51 -2.52
N ILE A 191 -1.59 34.30 -1.30
CA ILE A 191 -2.63 33.30 -1.06
C ILE A 191 -3.88 33.63 -1.87
N LYS A 192 -4.37 34.87 -1.76
CA LYS A 192 -5.52 35.30 -2.55
C LYS A 192 -5.33 35.00 -4.03
N ARG A 193 -4.13 35.25 -4.56
CA ARG A 193 -3.90 34.96 -5.97
C ARG A 193 -4.00 33.46 -6.26
N PHE A 194 -3.46 32.63 -5.36
CA PHE A 194 -3.56 31.18 -5.54
C PHE A 194 -5.02 30.73 -5.53
N LEU A 195 -5.83 31.27 -4.60
CA LEU A 195 -7.26 30.96 -4.63
C LEU A 195 -7.86 31.32 -5.97
N ARG A 196 -7.61 32.55 -6.43
CA ARG A 196 -8.07 32.97 -7.74
C ARG A 196 -7.62 31.99 -8.82
N VAL A 197 -6.36 31.56 -8.78
CA VAL A 197 -5.88 30.63 -9.79
C VAL A 197 -6.64 29.30 -9.74
N VAL A 198 -6.84 28.77 -8.53
CA VAL A 198 -7.59 27.51 -8.42
C VAL A 198 -9.00 27.71 -8.95
N LYS A 199 -9.62 28.83 -8.57
CA LYS A 199 -10.99 29.11 -8.98
C LYS A 199 -11.10 29.25 -10.49
N GLU A 200 -10.15 29.94 -11.12
CA GLU A 200 -10.16 30.11 -12.57
C GLU A 200 -9.87 28.80 -13.30
N LYS A 201 -8.89 28.03 -12.83
CA LYS A 201 -8.59 26.76 -13.51
C LYS A 201 -9.66 25.70 -13.24
N ASP A 202 -10.33 25.77 -12.09
CA ASP A 202 -11.39 24.84 -11.72
C ASP A 202 -10.97 23.37 -11.87
N PRO A 203 -9.90 22.94 -11.20
CA PRO A 203 -9.47 21.54 -11.34
C PRO A 203 -10.40 20.61 -10.60
N ASP A 204 -10.60 19.42 -11.18
CA ASP A 204 -11.28 18.32 -10.49
C ASP A 204 -10.38 17.66 -9.46
N VAL A 205 -9.07 17.68 -9.67
CA VAL A 205 -8.14 17.06 -8.75
C VAL A 205 -7.09 18.08 -8.33
N LEU A 206 -6.87 18.19 -7.03
CA LEU A 206 -5.73 18.93 -6.48
C LEU A 206 -4.72 17.91 -5.98
N ILE A 207 -3.52 17.95 -6.55
CA ILE A 207 -2.45 17.02 -6.24
C ILE A 207 -1.48 17.70 -5.29
N THR A 208 -1.19 17.05 -4.16
CA THR A 208 -0.12 17.47 -3.25
C THR A 208 0.81 16.30 -2.97
N TYR A 209 1.92 16.61 -2.30
CA TYR A 209 2.78 15.60 -1.71
C TYR A 209 2.84 15.89 -0.21
N ASN A 210 2.10 15.13 0.59
CA ASN A 210 1.97 15.34 2.02
C ASN A 210 1.04 16.50 2.35
N GLY A 211 0.18 16.90 1.41
CA GLY A 211 -0.75 17.96 1.71
C GLY A 211 -1.69 17.59 2.85
N ASP A 212 -1.91 16.29 3.06
CA ASP A 212 -2.80 15.86 4.13
C ASP A 212 -2.30 16.32 5.50
N ASN A 213 -1.00 16.47 5.67
CA ASN A 213 -0.46 16.74 7.00
C ASN A 213 0.45 17.96 7.07
N PHE A 214 0.73 18.63 5.95
CA PHE A 214 1.50 19.85 6.02
C PHE A 214 0.82 21.01 5.31
N ASP A 215 0.90 20.96 3.97
CA ASP A 215 0.39 21.99 3.08
C ASP A 215 -0.94 22.65 3.44
N PHE A 216 -1.96 21.84 3.65
CA PHE A 216 -3.28 22.39 3.94
C PHE A 216 -3.36 22.96 5.35
N ALA A 217 -2.69 22.33 6.32
CA ALA A 217 -2.74 22.84 7.68
C ALA A 217 -1.95 24.14 7.81
N TYR A 218 -0.84 24.24 7.10
CA TYR A 218 -0.11 25.50 7.03
C TYR A 218 -0.99 26.61 6.50
N LEU A 219 -1.52 26.42 5.30
CA LEU A 219 -2.41 27.41 4.72
C LEU A 219 -3.54 27.79 5.67
N LYS A 220 -4.13 26.79 6.33
CA LYS A 220 -5.24 27.07 7.25
C LYS A 220 -4.80 28.01 8.38
N LYS A 221 -3.63 27.77 8.97
CA LYS A 221 -3.17 28.61 10.07
C LYS A 221 -2.88 30.01 9.59
N ARG A 222 -2.18 30.13 8.45
CA ARG A 222 -1.92 31.46 7.90
C ARG A 222 -3.21 32.18 7.52
N CYS A 223 -4.17 31.45 6.94
CA CYS A 223 -5.42 32.11 6.51
C CYS A 223 -6.22 32.67 7.68
N GLU A 224 -6.20 32.00 8.82
CA GLU A 224 -6.82 32.58 10.02
C GLU A 224 -6.11 33.85 10.43
N LYS A 225 -4.78 33.81 10.55
CA LYS A 225 -4.00 34.98 10.95
C LYS A 225 -4.21 36.15 10.01
N LEU A 226 -4.26 35.91 8.70
CA LEU A 226 -4.37 36.98 7.73
C LEU A 226 -5.81 37.33 7.38
N GLY A 227 -6.79 36.65 7.98
CA GLY A 227 -8.18 36.97 7.69
C GLY A 227 -8.58 36.66 6.27
N ILE A 228 -8.28 35.44 5.83
CA ILE A 228 -8.58 34.98 4.48
C ILE A 228 -9.62 33.88 4.55
N ASN A 229 -10.66 34.00 3.73
CA ASN A 229 -11.64 32.93 3.55
C ASN A 229 -11.08 31.98 2.51
N PHE A 230 -10.59 30.83 2.96
CA PHE A 230 -9.84 29.92 2.08
C PHE A 230 -10.81 28.96 1.40
N ALA A 231 -11.58 29.51 0.46
CA ALA A 231 -12.76 28.84 -0.10
C ALA A 231 -12.41 27.98 -1.32
N LEU A 232 -11.57 26.95 -1.09
CA LEU A 232 -11.14 26.11 -2.20
C LEU A 232 -12.27 25.21 -2.71
N GLY A 233 -13.24 24.91 -1.86
CA GLY A 233 -14.31 24.01 -2.27
C GLY A 233 -15.10 24.56 -3.44
N ARG A 234 -15.55 23.65 -4.29
CA ARG A 234 -16.43 24.02 -5.39
C ARG A 234 -17.77 24.54 -4.91
N ASP A 235 -18.13 24.27 -3.65
CA ASP A 235 -19.32 24.84 -3.04
C ASP A 235 -18.99 26.02 -2.16
N GLY A 236 -17.80 26.61 -2.33
CA GLY A 236 -17.38 27.74 -1.51
C GLY A 236 -16.87 27.37 -0.13
N SER A 237 -16.81 26.09 0.20
CA SER A 237 -16.33 25.69 1.51
C SER A 237 -14.81 25.78 1.58
N GLU A 238 -14.29 25.77 2.80
CA GLU A 238 -12.85 25.67 3.06
C GLU A 238 -12.46 24.21 3.17
N PRO A 239 -11.18 23.90 2.96
CA PRO A 239 -10.74 22.51 3.08
C PRO A 239 -11.14 21.93 4.42
N LYS A 240 -11.49 20.65 4.44
CA LYS A 240 -12.00 19.99 5.64
C LYS A 240 -10.98 18.99 6.15
N ILE A 241 -10.50 19.18 7.37
CA ILE A 241 -9.56 18.25 7.97
C ILE A 241 -10.33 17.11 8.62
N GLN A 242 -9.86 15.89 8.37
CA GLN A 242 -10.36 14.72 9.06
C GLN A 242 -9.22 14.05 9.78
N ARG A 243 -9.48 13.55 10.98
CA ARG A 243 -8.49 12.71 11.64
C ARG A 243 -8.51 11.35 10.98
N MET A 244 -7.34 10.79 10.77
CA MET A 244 -7.18 9.48 10.16
C MET A 244 -6.04 8.79 10.89
N GLY A 245 -6.38 8.05 11.94
CA GLY A 245 -5.35 7.48 12.80
C GLY A 245 -4.74 8.56 13.68
N ASP A 246 -3.41 8.58 13.73
CA ASP A 246 -2.69 9.62 14.44
C ASP A 246 -2.40 10.84 13.57
N ARG A 247 -2.61 10.75 12.25
CA ARG A 247 -2.38 11.85 11.35
C ARG A 247 -3.73 12.44 10.91
N PHE A 248 -3.77 13.02 9.72
CA PHE A 248 -4.92 13.77 9.26
C PHE A 248 -5.06 13.54 7.76
N ALA A 249 -6.26 13.82 7.25
CA ALA A 249 -6.48 13.86 5.81
C ALA A 249 -7.37 15.04 5.51
N VAL A 250 -7.27 15.57 4.30
CA VAL A 250 -7.93 16.82 3.94
C VAL A 250 -8.76 16.60 2.69
N GLU A 251 -10.07 16.87 2.79
CA GLU A 251 -10.97 16.92 1.66
C GLU A 251 -11.15 18.36 1.19
N VAL A 252 -11.28 18.52 -0.13
CA VAL A 252 -11.74 19.76 -0.74
C VAL A 252 -13.04 19.41 -1.46
N LYS A 253 -14.16 19.87 -0.92
CA LYS A 253 -15.48 19.55 -1.48
C LYS A 253 -15.62 19.77 -2.97
N GLY A 254 -16.22 18.80 -3.65
CA GLY A 254 -16.42 18.90 -5.07
C GLY A 254 -15.19 18.64 -5.88
N ARG A 255 -14.05 18.50 -5.25
CA ARG A 255 -12.80 18.18 -5.90
C ARG A 255 -12.26 16.90 -5.29
N ILE A 256 -11.16 16.41 -5.83
CA ILE A 256 -10.48 15.27 -5.24
C ILE A 256 -9.12 15.76 -4.82
N HIS A 257 -8.88 15.86 -3.51
CA HIS A 257 -7.51 16.09 -3.03
C HIS A 257 -6.76 14.76 -3.06
N PHE A 258 -5.78 14.67 -3.95
CA PHE A 258 -4.98 13.45 -4.14
C PHE A 258 -3.61 13.71 -3.52
N ASP A 259 -3.42 13.25 -2.28
CA ASP A 259 -2.11 13.31 -1.63
C ASP A 259 -1.30 12.11 -2.13
N LEU A 260 -0.24 12.39 -2.89
CA LEU A 260 0.60 11.32 -3.43
C LEU A 260 1.34 10.55 -2.34
N TYR A 261 1.51 11.13 -1.15
CA TYR A 261 2.40 10.49 -0.19
C TYR A 261 1.84 9.13 0.25
N PRO A 262 0.60 9.04 0.74
CA PRO A 262 0.09 7.71 1.12
C PRO A 262 0.01 6.75 -0.04
N VAL A 263 -0.21 7.24 -1.25
CA VAL A 263 -0.28 6.37 -2.41
C VAL A 263 1.08 5.77 -2.69
N ILE A 264 2.11 6.62 -2.76
CA ILE A 264 3.45 6.18 -3.14
C ILE A 264 3.99 5.20 -2.10
N ARG A 265 3.86 5.55 -0.82
CA ARG A 265 4.48 4.72 0.20
C ARG A 265 3.89 3.31 0.18
N ARG A 266 2.58 3.18 -0.12
CA ARG A 266 1.94 1.88 -0.23
C ARG A 266 2.25 1.20 -1.55
N THR A 267 2.72 1.94 -2.54
CA THR A 267 2.82 1.40 -3.88
C THR A 267 4.23 1.00 -4.26
N ILE A 268 5.25 1.71 -3.76
CA ILE A 268 6.61 1.36 -4.06
C ILE A 268 7.40 1.36 -2.78
N ASN A 269 8.40 0.50 -2.73
CA ASN A 269 9.21 0.29 -1.55
C ASN A 269 10.53 1.03 -1.80
N LEU A 270 10.77 2.07 -1.04
CA LEU A 270 11.98 2.86 -1.16
C LEU A 270 12.60 2.98 0.21
N PRO A 271 13.93 3.21 0.27
CA PRO A 271 14.56 3.43 1.57
C PRO A 271 14.17 4.77 2.19
N THR A 272 13.84 5.78 1.39
CA THR A 272 13.32 7.04 1.91
C THR A 272 12.22 7.52 0.98
N TYR A 273 11.31 8.34 1.53
CA TYR A 273 10.18 8.86 0.78
C TYR A 273 10.21 10.39 0.67
N THR A 274 11.38 11.01 0.59
CA THR A 274 11.37 12.42 0.21
C THR A 274 10.87 12.56 -1.22
N LEU A 275 10.39 13.76 -1.53
CA LEU A 275 9.88 13.97 -2.88
C LEU A 275 10.98 13.81 -3.91
N GLU A 276 12.21 14.23 -3.56
CA GLU A 276 13.34 14.01 -4.45
C GLU A 276 13.57 12.52 -4.66
N ALA A 277 13.48 11.73 -3.60
CA ALA A 277 13.75 10.30 -3.73
C ALA A 277 12.69 9.63 -4.58
N VAL A 278 11.42 9.98 -4.35
CA VAL A 278 10.33 9.39 -5.12
C VAL A 278 10.43 9.81 -6.60
N TYR A 279 10.70 11.08 -6.88
CA TYR A 279 10.80 11.49 -8.28
C TYR A 279 11.86 10.68 -9.00
N GLU A 280 13.05 10.56 -8.40
CA GLU A 280 14.14 9.83 -9.02
C GLU A 280 13.80 8.36 -9.21
N ALA A 281 13.19 7.73 -8.19
CA ALA A 281 12.80 6.33 -8.32
C ALA A 281 11.85 6.13 -9.49
N VAL A 282 10.79 6.96 -9.55
CA VAL A 282 9.75 6.72 -10.54
C VAL A 282 10.20 7.12 -11.94
N PHE A 283 10.98 8.21 -12.07
CA PHE A 283 11.32 8.76 -13.38
C PHE A 283 12.80 8.68 -13.74
N GLY A 284 13.67 8.25 -12.83
CA GLY A 284 15.08 8.10 -13.16
C GLY A 284 15.81 9.38 -13.49
N GLN A 285 15.44 10.49 -12.83
CA GLN A 285 16.13 11.75 -13.04
C GLN A 285 16.28 12.38 -11.66
N PRO A 286 17.47 12.86 -11.31
CA PRO A 286 17.64 13.52 -10.00
C PRO A 286 16.83 14.80 -9.91
N LYS A 287 16.46 15.15 -8.68
CA LYS A 287 15.83 16.42 -8.37
C LYS A 287 16.59 17.05 -7.21
N GLU A 288 17.04 18.28 -7.40
CA GLU A 288 17.84 18.95 -6.38
C GLU A 288 16.98 19.29 -5.18
N LYS A 289 17.56 19.17 -4.00
CA LYS A 289 16.90 19.53 -2.75
C LYS A 289 17.48 20.84 -2.20
N VAL A 290 16.62 21.75 -1.78
CA VAL A 290 17.02 22.97 -1.08
C VAL A 290 16.44 22.89 0.34
N TYR A 291 17.32 23.02 1.34
CA TYR A 291 16.91 22.79 2.72
C TYR A 291 16.29 24.03 3.35
N ALA A 292 15.44 23.75 4.34
CA ALA A 292 14.75 24.77 5.10
C ALA A 292 15.67 25.94 5.48
N GLU A 293 16.85 25.65 6.03
CA GLU A 293 17.71 26.73 6.52
C GLU A 293 18.16 27.65 5.38
N GLU A 294 18.42 27.08 4.19
CA GLU A 294 18.79 27.92 3.05
C GLU A 294 17.62 28.76 2.57
N ILE A 295 16.42 28.18 2.57
CA ILE A 295 15.23 28.97 2.23
C ILE A 295 15.13 30.16 3.18
N THR A 296 15.24 29.89 4.47
CA THR A 296 15.09 30.95 5.46
C THR A 296 16.19 32.00 5.30
N THR A 297 17.45 31.58 5.22
CA THR A 297 18.53 32.55 5.06
C THR A 297 18.36 33.35 3.79
N ALA A 298 17.95 32.71 2.70
CA ALA A 298 17.75 33.43 1.44
C ALA A 298 16.71 34.53 1.60
N TRP A 299 15.56 34.18 2.19
CA TRP A 299 14.49 35.15 2.38
C TRP A 299 14.90 36.27 3.35
N GLU A 300 15.54 35.92 4.47
CA GLU A 300 15.84 36.94 5.47
C GLU A 300 16.99 37.85 5.04
N THR A 301 17.93 37.33 4.25
CA THR A 301 19.01 38.16 3.73
C THR A 301 18.70 38.73 2.36
N GLY A 302 17.60 38.31 1.74
CA GLY A 302 17.27 38.79 0.42
C GLY A 302 18.22 38.35 -0.66
N GLU A 303 19.01 37.31 -0.42
CA GLU A 303 20.04 36.89 -1.36
C GLU A 303 19.74 35.48 -1.87
N ASN A 304 19.85 35.29 -3.18
CA ASN A 304 19.81 33.96 -3.76
C ASN A 304 18.38 33.42 -3.81
N LEU A 305 17.41 34.29 -4.09
CA LEU A 305 16.03 33.83 -4.11
C LEU A 305 15.70 33.02 -5.36
N GLU A 306 16.52 33.12 -6.42
CA GLU A 306 16.23 32.35 -7.62
C GLU A 306 16.29 30.85 -7.31
N ARG A 307 17.31 30.43 -6.56
CA ARG A 307 17.44 29.05 -6.16
C ARG A 307 16.18 28.57 -5.45
N VAL A 308 15.62 29.41 -4.57
CA VAL A 308 14.41 29.05 -3.83
C VAL A 308 13.22 28.94 -4.77
N ALA A 309 13.05 29.92 -5.66
CA ALA A 309 11.92 29.90 -6.58
C ALA A 309 11.97 28.69 -7.49
N ARG A 310 13.15 28.41 -8.07
CA ARG A 310 13.31 27.22 -8.91
C ARG A 310 12.99 25.96 -8.12
N TYR A 311 13.45 25.88 -6.86
CA TYR A 311 13.11 24.72 -6.05
C TYR A 311 11.60 24.62 -5.89
N SER A 312 10.94 25.74 -5.60
CA SER A 312 9.50 25.71 -5.39
C SER A 312 8.76 25.31 -6.68
N MET A 313 9.23 25.84 -7.82
CA MET A 313 8.65 25.49 -9.11
C MET A 313 8.77 24.00 -9.39
N GLU A 314 9.94 23.41 -9.08
CA GLU A 314 10.19 21.99 -9.36
C GLU A 314 9.32 21.10 -8.47
N ASP A 315 9.17 21.45 -7.19
CA ASP A 315 8.19 20.77 -6.35
C ASP A 315 6.87 20.62 -7.08
N ALA A 316 6.31 21.74 -7.55
CA ALA A 316 5.00 21.65 -8.18
C ALA A 316 5.09 20.85 -9.48
N LYS A 317 6.14 21.08 -10.26
CA LYS A 317 6.26 20.40 -11.54
C LYS A 317 6.28 18.88 -11.37
N VAL A 318 7.11 18.39 -10.44
CA VAL A 318 7.25 16.93 -10.32
C VAL A 318 6.03 16.38 -9.61
N THR A 319 5.38 17.17 -8.75
CA THR A 319 4.15 16.68 -8.13
C THR A 319 3.08 16.44 -9.18
N TYR A 320 2.96 17.37 -10.14
CA TYR A 320 2.04 17.16 -11.24
C TYR A 320 2.41 15.92 -12.03
N GLU A 321 3.70 15.78 -12.36
CA GLU A 321 4.14 14.63 -13.13
C GLU A 321 3.87 13.32 -12.40
N LEU A 322 4.15 13.25 -11.10
CA LEU A 322 3.84 12.04 -10.33
C LEU A 322 2.34 11.82 -10.27
N GLY A 323 1.57 12.91 -10.25
CA GLY A 323 0.12 12.78 -10.29
C GLY A 323 -0.37 12.11 -11.58
N LYS A 324 0.14 12.57 -12.72
CA LYS A 324 -0.28 11.94 -13.97
C LYS A 324 0.07 10.46 -13.97
N GLU A 325 1.16 10.08 -13.30
CA GLU A 325 1.58 8.69 -13.27
C GLU A 325 0.63 7.84 -12.44
N PHE A 326 0.26 8.31 -11.26
CA PHE A 326 -0.43 7.45 -10.30
C PHE A 326 -1.93 7.64 -10.26
N LEU A 327 -2.45 8.80 -10.64
CA LEU A 327 -3.90 9.00 -10.52
C LEU A 327 -4.70 8.00 -11.36
N PRO A 328 -4.34 7.69 -12.61
CA PRO A 328 -5.12 6.71 -13.40
C PRO A 328 -5.23 5.34 -12.74
N MET A 329 -4.15 4.87 -12.13
CA MET A 329 -4.19 3.62 -11.37
C MET A 329 -5.18 3.72 -10.21
N GLU A 330 -5.14 4.80 -9.45
CA GLU A 330 -6.05 4.90 -8.30
C GLU A 330 -7.49 5.10 -8.74
N ALA A 331 -7.70 5.76 -9.88
CA ALA A 331 -9.05 5.87 -10.42
C ALA A 331 -9.59 4.49 -10.82
N GLN A 332 -8.75 3.64 -11.40
CA GLN A 332 -9.21 2.28 -11.66
C GLN A 332 -9.48 1.52 -10.35
N LEU A 333 -8.68 1.77 -9.32
CA LEU A 333 -8.92 1.14 -8.02
C LEU A 333 -10.25 1.62 -7.43
N SER A 334 -10.50 2.92 -7.52
CA SER A 334 -11.78 3.44 -7.01
C SER A 334 -12.95 2.76 -7.75
N ARG A 335 -12.84 2.63 -9.07
CA ARG A 335 -13.94 2.00 -9.81
C ARG A 335 -14.10 0.53 -9.43
N LEU A 336 -12.98 -0.16 -9.18
CA LEU A 336 -13.05 -1.59 -8.82
C LEU A 336 -13.64 -1.79 -7.43
N ILE A 337 -13.21 -0.98 -6.46
CA ILE A 337 -13.70 -1.13 -5.10
C ILE A 337 -15.10 -0.53 -4.94
N GLY A 338 -15.50 0.37 -5.82
CA GLY A 338 -16.75 1.07 -5.63
C GLY A 338 -16.76 2.13 -4.54
N GLN A 339 -15.60 2.73 -4.24
CA GLN A 339 -15.58 3.86 -3.31
C GLN A 339 -14.74 4.99 -3.89
N SER A 340 -14.89 6.20 -3.32
CA SER A 340 -14.27 7.38 -3.93
C SER A 340 -12.75 7.25 -4.03
N LEU A 341 -12.19 7.94 -5.02
CA LEU A 341 -10.74 7.95 -5.18
C LEU A 341 -10.06 8.52 -3.93
N TRP A 342 -10.71 9.49 -3.29
CA TRP A 342 -10.16 10.05 -2.05
C TRP A 342 -9.98 8.95 -1.00
N ASP A 343 -11.02 8.15 -0.77
CA ASP A 343 -10.97 7.10 0.26
C ASP A 343 -9.97 6.00 -0.11
N VAL A 344 -10.08 5.52 -1.34
CA VAL A 344 -9.33 4.36 -1.80
C VAL A 344 -7.84 4.68 -1.81
N SER A 345 -7.50 5.92 -2.18
CA SER A 345 -6.10 6.32 -2.21
C SER A 345 -5.50 6.37 -0.81
N ARG A 346 -6.34 6.40 0.22
CA ARG A 346 -5.82 6.45 1.58
C ARG A 346 -6.11 5.18 2.37
N SER A 347 -6.38 4.07 1.68
CA SER A 347 -6.82 2.86 2.36
C SER A 347 -5.74 1.79 2.29
N SER A 348 -5.75 0.93 3.31
CA SER A 348 -4.97 -0.31 3.29
C SER A 348 -5.71 -1.40 2.53
N THR A 349 -4.94 -2.40 2.06
CA THR A 349 -5.45 -3.64 1.53
C THR A 349 -6.69 -4.15 2.25
N GLY A 350 -6.60 -4.31 3.57
CA GLY A 350 -7.69 -4.92 4.31
C GLY A 350 -8.99 -4.16 4.12
N ASN A 351 -8.90 -2.84 4.23
CA ASN A 351 -10.06 -1.98 4.08
C ASN A 351 -10.65 -2.02 2.67
N LEU A 352 -9.79 -2.14 1.68
CA LEU A 352 -10.25 -2.19 0.29
C LEU A 352 -11.06 -3.46 0.06
N VAL A 353 -10.59 -4.59 0.60
CA VAL A 353 -11.33 -5.86 0.45
C VAL A 353 -12.70 -5.73 1.11
N GLU A 354 -12.75 -5.20 2.33
CA GLU A 354 -14.01 -5.08 3.05
C GLU A 354 -15.03 -4.25 2.28
N TRP A 355 -14.60 -3.11 1.72
CA TRP A 355 -15.54 -2.29 0.96
C TRP A 355 -16.04 -3.03 -0.28
N PHE A 356 -15.15 -3.72 -0.98
CA PHE A 356 -15.57 -4.56 -2.10
C PHE A 356 -16.59 -5.57 -1.64
N LEU A 357 -16.33 -6.24 -0.51
CA LEU A 357 -17.23 -7.29 -0.04
C LEU A 357 -18.54 -6.70 0.47
N LEU A 358 -18.49 -5.55 1.15
CA LEU A 358 -19.73 -4.96 1.64
C LEU A 358 -20.69 -4.71 0.49
N ARG A 359 -20.18 -4.17 -0.62
CA ARG A 359 -21.00 -3.94 -1.80
C ARG A 359 -21.55 -5.26 -2.38
N LYS A 360 -20.66 -6.23 -2.61
CA LYS A 360 -21.18 -7.51 -3.12
C LYS A 360 -22.21 -8.11 -2.18
N ALA A 361 -21.99 -8.02 -0.86
CA ALA A 361 -22.97 -8.54 0.08
C ALA A 361 -24.32 -7.86 -0.12
N TYR A 362 -24.32 -6.55 -0.37
CA TYR A 362 -25.60 -5.86 -0.56
C TYR A 362 -26.32 -6.38 -1.80
N GLU A 363 -25.56 -6.59 -2.87
CA GLU A 363 -26.14 -7.07 -4.12
C GLU A 363 -26.74 -8.46 -3.97
N ARG A 364 -26.24 -9.27 -3.03
CA ARG A 364 -26.68 -10.65 -2.85
C ARG A 364 -27.53 -10.84 -1.60
N ASN A 365 -28.01 -9.76 -1.01
CA ASN A 365 -28.87 -9.86 0.17
C ASN A 365 -28.16 -10.59 1.30
N GLU A 366 -26.85 -10.45 1.37
CA GLU A 366 -26.05 -11.10 2.40
C GLU A 366 -25.79 -10.10 3.52
N LEU A 367 -26.32 -10.38 4.70
CA LEU A 367 -26.06 -9.55 5.88
C LEU A 367 -24.58 -9.58 6.23
N ALA A 368 -24.01 -8.42 6.54
CA ALA A 368 -22.58 -8.40 6.82
C ALA A 368 -22.32 -8.79 8.27
N PRO A 369 -21.37 -9.68 8.54
CA PRO A 369 -20.93 -9.89 9.92
C PRO A 369 -20.32 -8.60 10.47
N ASN A 370 -20.30 -8.50 11.79
CA ASN A 370 -19.77 -7.29 12.40
C ASN A 370 -18.25 -7.35 12.51
N LYS A 371 -17.66 -6.18 12.71
CA LYS A 371 -16.30 -6.11 13.17
C LYS A 371 -16.23 -6.73 14.56
N PRO A 372 -15.15 -7.41 14.88
CA PRO A 372 -15.06 -8.11 16.16
C PRO A 372 -15.02 -7.12 17.33
N ASP A 373 -15.78 -7.43 18.37
CA ASP A 373 -15.62 -6.76 19.65
C ASP A 373 -14.29 -7.18 20.28
N GLU A 374 -14.01 -6.64 21.47
CA GLU A 374 -12.76 -6.98 22.16
C GLU A 374 -12.67 -8.46 22.51
N LYS A 375 -13.75 -9.04 23.03
CA LYS A 375 -13.71 -10.45 23.38
C LYS A 375 -13.48 -11.34 22.16
N GLU A 376 -14.13 -11.01 21.04
CA GLU A 376 -13.91 -11.78 19.81
C GLU A 376 -12.49 -11.58 19.29
N LEU A 377 -11.96 -10.37 19.39
CA LEU A 377 -10.61 -10.10 18.91
C LEU A 377 -9.59 -10.95 19.65
N ALA A 378 -9.73 -11.09 20.97
CA ALA A 378 -8.78 -11.90 21.73
C ALA A 378 -8.86 -13.36 21.30
N ARG A 379 -10.07 -13.87 21.08
CA ARG A 379 -10.28 -15.22 20.59
C ARG A 379 -9.76 -15.41 19.18
N ARG A 380 -9.35 -14.35 18.49
CA ARG A 380 -8.86 -14.45 17.12
C ARG A 380 -7.34 -14.38 17.04
N ARG A 381 -6.65 -14.64 18.15
CA ARG A 381 -5.21 -14.42 18.23
C ARG A 381 -4.39 -15.65 17.89
N GLN A 382 -4.98 -16.83 17.84
CA GLN A 382 -4.17 -18.00 17.50
C GLN A 382 -3.70 -17.91 16.06
N SER A 383 -2.56 -18.52 15.78
CA SER A 383 -1.99 -18.53 14.44
C SER A 383 -2.15 -19.93 13.82
N TYR A 384 -1.43 -20.18 12.74
CA TYR A 384 -1.65 -21.39 11.94
C TYR A 384 -0.49 -21.51 10.96
N GLU A 385 -0.39 -22.68 10.34
CA GLU A 385 0.78 -23.01 9.52
C GLU A 385 0.64 -22.38 8.13
N GLY A 386 1.74 -21.87 7.61
CA GLY A 386 1.73 -21.13 6.36
C GLY A 386 2.31 -21.91 5.19
N GLY A 387 3.07 -21.21 4.36
CA GLY A 387 3.64 -21.83 3.19
C GLY A 387 4.74 -22.81 3.53
N TYR A 388 4.95 -23.76 2.63
CA TYR A 388 6.04 -24.71 2.74
C TYR A 388 7.33 -24.14 2.13
N VAL A 389 8.41 -24.17 2.90
CA VAL A 389 9.70 -23.69 2.42
C VAL A 389 10.73 -24.80 2.60
N LYS A 390 11.32 -25.23 1.48
CA LYS A 390 12.30 -26.31 1.48
C LYS A 390 13.67 -25.76 1.86
N GLU A 391 14.40 -26.50 2.68
CA GLU A 391 15.80 -26.12 2.89
C GLU A 391 16.53 -26.23 1.55
N PRO A 392 17.13 -25.17 1.05
CA PRO A 392 17.72 -25.21 -0.29
C PRO A 392 19.05 -25.98 -0.33
N GLU A 393 19.40 -26.36 -1.56
CA GLU A 393 20.70 -26.94 -1.89
C GLU A 393 21.66 -25.80 -2.21
N ARG A 394 22.39 -25.35 -1.19
CA ARG A 394 23.20 -24.16 -1.32
C ARG A 394 24.28 -24.35 -2.38
N GLY A 395 24.60 -23.28 -3.11
CA GLY A 395 25.66 -23.38 -4.09
C GLY A 395 25.27 -22.74 -5.41
N LEU A 396 26.17 -22.88 -6.39
CA LEU A 396 25.96 -22.35 -7.73
C LEU A 396 25.43 -23.48 -8.62
N TRP A 397 24.35 -23.20 -9.36
CA TRP A 397 23.68 -24.20 -10.17
C TRP A 397 23.51 -23.68 -11.60
N GLU A 398 23.47 -24.60 -12.57
CA GLU A 398 23.33 -24.27 -13.98
C GLU A 398 22.08 -24.94 -14.55
N ASN A 399 21.53 -24.33 -15.61
CA ASN A 399 20.38 -24.85 -16.35
C ASN A 399 19.23 -25.25 -15.41
N ILE A 400 18.62 -24.25 -14.80
CA ILE A 400 17.50 -24.49 -13.91
C ILE A 400 16.23 -23.84 -14.42
N VAL A 401 15.11 -24.49 -14.17
CA VAL A 401 13.79 -23.99 -14.54
C VAL A 401 13.04 -23.66 -13.26
N TYR A 402 12.23 -22.62 -13.34
CA TYR A 402 11.30 -22.28 -12.29
C TYR A 402 9.92 -22.66 -12.77
N LEU A 403 9.22 -23.45 -11.96
CA LEU A 403 7.85 -23.85 -12.23
C LEU A 403 7.01 -23.32 -11.08
N ASP A 404 5.88 -22.69 -11.40
CA ASP A 404 5.09 -22.15 -10.31
C ASP A 404 3.61 -22.31 -10.61
N PHE A 405 2.84 -22.30 -9.53
CA PHE A 405 1.40 -22.31 -9.64
C PHE A 405 0.91 -20.93 -10.06
N ARG A 406 -0.04 -20.92 -10.97
CA ARG A 406 -0.74 -19.70 -11.31
C ARG A 406 -1.80 -19.43 -10.25
N SER A 407 -1.68 -18.29 -9.55
CA SER A 407 -2.65 -17.85 -8.55
C SER A 407 -3.02 -18.99 -7.60
N LEU A 408 -1.99 -19.55 -6.95
CA LEU A 408 -2.19 -20.72 -6.10
C LEU A 408 -3.33 -20.52 -5.11
N TYR A 409 -3.26 -19.47 -4.30
CA TYR A 409 -4.26 -19.42 -3.24
C TYR A 409 -5.66 -19.12 -3.78
N PRO A 410 -5.82 -18.18 -4.73
CA PRO A 410 -7.16 -18.02 -5.33
C PRO A 410 -7.63 -19.29 -6.05
N SER A 411 -6.73 -20.00 -6.72
CA SER A 411 -7.09 -21.28 -7.36
C SER A 411 -7.68 -22.25 -6.35
N ILE A 412 -7.01 -22.36 -5.20
CA ILE A 412 -7.47 -23.26 -4.16
C ILE A 412 -8.82 -22.84 -3.65
N ILE A 413 -8.99 -21.52 -3.44
CA ILE A 413 -10.23 -21.02 -2.89
C ILE A 413 -11.40 -21.33 -3.81
N ILE A 414 -11.20 -21.18 -5.12
CA ILE A 414 -12.33 -21.45 -5.99
C ILE A 414 -12.47 -22.96 -6.20
N THR A 415 -11.37 -23.68 -6.43
CA THR A 415 -11.49 -25.13 -6.70
C THR A 415 -12.19 -25.86 -5.56
N HIS A 416 -11.85 -25.52 -4.31
CA HIS A 416 -12.39 -26.24 -3.17
C HIS A 416 -13.49 -25.48 -2.45
N ASN A 417 -13.98 -24.40 -3.03
CA ASN A 417 -15.13 -23.66 -2.50
C ASN A 417 -14.91 -23.27 -1.04
N VAL A 418 -13.74 -22.70 -0.76
CA VAL A 418 -13.32 -22.40 0.61
C VAL A 418 -13.91 -21.06 1.05
N SER A 419 -14.82 -21.10 2.03
CA SER A 419 -15.60 -19.93 2.40
C SER A 419 -16.18 -20.18 3.79
N PRO A 420 -16.36 -19.13 4.62
CA PRO A 420 -16.98 -19.34 5.93
C PRO A 420 -18.42 -19.83 5.85
N ASP A 421 -19.10 -19.55 4.75
CA ASP A 421 -20.47 -20.02 4.54
C ASP A 421 -20.55 -21.42 3.96
N THR A 422 -19.43 -22.03 3.53
CA THR A 422 -19.45 -23.43 3.13
C THR A 422 -18.75 -24.33 4.15
N LEU A 423 -18.14 -23.76 5.17
CA LEU A 423 -17.36 -24.48 6.17
C LEU A 423 -18.27 -25.34 7.05
N ASN A 424 -17.98 -26.65 7.11
CA ASN A 424 -18.67 -27.58 7.98
C ASN A 424 -20.18 -27.42 7.90
N ARG A 425 -20.68 -27.21 6.69
CA ARG A 425 -22.13 -27.18 6.52
C ARG A 425 -22.67 -28.60 6.63
N GLU A 426 -23.84 -28.71 7.22
CA GLU A 426 -24.44 -30.02 7.49
C GLU A 426 -25.44 -30.36 6.40
N GLY A 427 -25.49 -31.64 6.03
CA GLY A 427 -26.40 -32.10 5.00
C GLY A 427 -26.00 -31.62 3.62
N CYS A 428 -24.84 -31.98 3.15
CA CYS A 428 -24.55 -31.63 1.81
C CYS A 428 -24.25 -32.91 1.18
N LYS A 429 -24.40 -32.96 -0.12
CA LYS A 429 -24.14 -34.13 -0.85
C LYS A 429 -22.65 -34.33 -1.12
N GLU A 430 -21.92 -33.23 -1.33
CA GLU A 430 -20.52 -33.23 -1.65
C GLU A 430 -19.66 -32.28 -0.82
N TYR A 431 -18.45 -32.69 -0.51
CA TYR A 431 -17.53 -31.92 0.30
C TYR A 431 -16.12 -32.11 -0.16
N ASP A 432 -15.23 -31.19 0.23
CA ASP A 432 -13.79 -31.24 -0.04
C ASP A 432 -13.23 -31.08 1.33
N VAL A 433 -12.19 -31.82 1.63
CA VAL A 433 -11.61 -31.84 2.92
C VAL A 433 -10.19 -31.38 2.87
N ALA A 434 -9.85 -30.42 3.70
CA ALA A 434 -8.52 -29.89 3.73
C ALA A 434 -7.56 -30.87 4.33
N PRO A 435 -6.44 -31.02 3.56
CA PRO A 435 -5.44 -31.91 4.12
C PRO A 435 -4.86 -31.41 5.44
N GLN A 436 -4.46 -32.31 6.28
CA GLN A 436 -3.89 -32.06 7.59
C GLN A 436 -4.80 -31.44 8.57
N VAL A 437 -5.48 -30.39 8.17
CA VAL A 437 -6.35 -29.69 9.08
C VAL A 437 -7.78 -30.14 9.12
N GLY A 438 -8.18 -30.89 8.12
CA GLY A 438 -9.49 -31.47 8.06
C GLY A 438 -10.78 -30.75 7.95
N HIS A 439 -10.78 -29.46 7.68
CA HIS A 439 -12.00 -28.73 7.56
C HIS A 439 -12.71 -29.14 6.32
N ARG A 440 -13.99 -29.30 6.39
CA ARG A 440 -14.77 -29.69 5.27
C ARG A 440 -15.53 -28.56 4.68
N PHE A 441 -15.50 -28.46 3.38
CA PHE A 441 -16.20 -27.44 2.67
C PHE A 441 -17.19 -27.97 1.67
N CYS A 442 -18.43 -27.63 1.89
CA CYS A 442 -19.49 -28.02 1.05
C CYS A 442 -19.32 -27.57 -0.38
N LYS A 443 -19.63 -28.44 -1.32
CA LYS A 443 -19.53 -28.14 -2.74
C LYS A 443 -20.89 -27.94 -3.38
N ASP A 444 -21.97 -28.08 -2.62
CA ASP A 444 -23.30 -28.05 -3.23
C ASP A 444 -23.65 -26.69 -3.80
N PHE A 445 -23.13 -25.61 -3.23
CA PHE A 445 -23.44 -24.29 -3.76
C PHE A 445 -22.19 -23.43 -3.75
N PRO A 446 -22.05 -22.51 -4.70
CA PRO A 446 -20.87 -21.63 -4.71
C PRO A 446 -20.82 -20.80 -3.43
N GLY A 447 -19.66 -20.74 -2.81
CA GLY A 447 -19.50 -19.91 -1.64
C GLY A 447 -19.49 -18.43 -2.00
N PHE A 448 -19.83 -17.59 -1.03
CA PHE A 448 -19.83 -16.14 -1.23
C PHE A 448 -18.48 -15.69 -1.83
N ILE A 449 -17.39 -15.84 -1.07
CA ILE A 449 -16.09 -15.37 -1.56
C ILE A 449 -15.63 -16.16 -2.78
N PRO A 450 -15.70 -17.50 -2.81
CA PRO A 450 -15.31 -18.21 -4.03
C PRO A 450 -15.99 -17.69 -5.28
N SER A 451 -17.29 -17.39 -5.25
CA SER A 451 -17.94 -16.94 -6.48
C SER A 451 -17.42 -15.57 -6.93
N LEU A 452 -17.26 -14.63 -5.98
CA LEU A 452 -16.72 -13.32 -6.34
C LEU A 452 -15.33 -13.46 -6.93
N LEU A 453 -14.53 -14.34 -6.35
CA LEU A 453 -13.14 -14.46 -6.76
C LEU A 453 -13.05 -15.10 -8.13
N GLY A 454 -13.90 -16.10 -8.40
CA GLY A 454 -14.01 -16.62 -9.76
C GLY A 454 -14.35 -15.54 -10.78
N ASP A 455 -15.33 -14.69 -10.47
CA ASP A 455 -15.65 -13.61 -11.40
C ASP A 455 -14.44 -12.70 -11.64
N LEU A 456 -13.71 -12.36 -10.57
CA LEU A 456 -12.55 -11.49 -10.71
C LEU A 456 -11.48 -12.11 -11.61
N LEU A 457 -11.14 -13.39 -11.38
CA LEU A 457 -10.08 -13.99 -12.18
C LEU A 457 -10.49 -14.05 -13.64
N GLU A 458 -11.76 -14.36 -13.91
CA GLU A 458 -12.21 -14.43 -15.30
C GLU A 458 -12.23 -13.05 -15.96
N GLU A 459 -12.65 -12.01 -15.23
CA GLU A 459 -12.61 -10.68 -15.83
C GLU A 459 -11.17 -10.28 -16.16
N ARG A 460 -10.24 -10.58 -15.26
CA ARG A 460 -8.84 -10.22 -15.51
C ARG A 460 -8.32 -10.88 -16.78
N GLN A 461 -8.68 -12.14 -17.03
CA GLN A 461 -8.20 -12.79 -18.25
C GLN A 461 -8.84 -12.15 -19.48
N LYS A 462 -10.14 -11.85 -19.43
CA LYS A 462 -10.77 -11.18 -20.56
C LYS A 462 -10.12 -9.81 -20.84
N ILE A 463 -9.73 -9.09 -19.78
CA ILE A 463 -9.15 -7.77 -19.99
C ILE A 463 -7.80 -7.89 -20.66
N LYS A 464 -6.99 -8.81 -20.17
CA LYS A 464 -5.66 -9.02 -20.71
C LYS A 464 -5.69 -9.37 -22.19
N LYS A 465 -6.73 -10.07 -22.62
CA LYS A 465 -6.84 -10.45 -24.03
C LYS A 465 -7.32 -9.27 -24.88
N LYS A 466 -8.28 -8.51 -24.36
CA LYS A 466 -8.68 -7.27 -25.03
C LYS A 466 -7.50 -6.28 -25.17
N MET A 467 -6.67 -6.19 -24.14
CA MET A 467 -5.53 -5.30 -24.16
C MET A 467 -4.60 -5.48 -25.36
N LYS A 468 -4.52 -6.70 -25.89
CA LYS A 468 -3.58 -6.99 -26.96
C LYS A 468 -4.05 -6.46 -28.31
N ALA A 469 -5.36 -6.33 -28.51
CA ALA A 469 -5.92 -5.83 -29.74
C ALA A 469 -6.42 -4.39 -29.62
N THR A 470 -6.13 -3.73 -28.51
CA THR A 470 -6.52 -2.33 -28.33
C THR A 470 -5.47 -1.45 -28.99
N ILE A 471 -5.89 -0.66 -29.97
CA ILE A 471 -4.93 0.18 -30.68
C ILE A 471 -4.59 1.43 -29.86
N ASP A 472 -5.62 2.14 -29.38
CA ASP A 472 -5.44 3.35 -28.59
C ASP A 472 -4.47 3.10 -27.44
N PRO A 473 -3.30 3.75 -27.42
CA PRO A 473 -2.35 3.50 -26.31
C PRO A 473 -2.91 3.88 -24.96
N ILE A 474 -3.75 4.91 -24.90
CA ILE A 474 -4.27 5.36 -23.61
C ILE A 474 -5.25 4.36 -23.04
N GLU A 475 -6.24 3.96 -23.83
CA GLU A 475 -7.20 2.95 -23.37
C GLU A 475 -6.50 1.67 -22.95
N ARG A 476 -5.48 1.26 -23.71
CA ARG A 476 -4.74 0.06 -23.36
C ARG A 476 -4.18 0.20 -21.95
N LYS A 477 -3.59 1.35 -21.66
CA LYS A 477 -3.03 1.60 -20.33
C LYS A 477 -4.09 1.48 -19.24
N LEU A 478 -5.27 2.08 -19.48
CA LEU A 478 -6.33 2.00 -18.47
C LEU A 478 -6.70 0.55 -18.19
N LEU A 479 -6.90 -0.24 -19.26
CA LEU A 479 -7.17 -1.66 -19.10
C LEU A 479 -6.05 -2.35 -18.34
N ASP A 480 -4.79 -1.97 -18.61
CA ASP A 480 -3.68 -2.55 -17.88
C ASP A 480 -3.80 -2.31 -16.38
N TYR A 481 -4.16 -1.09 -15.98
CA TYR A 481 -4.27 -0.79 -14.56
C TYR A 481 -5.41 -1.57 -13.91
N ARG A 482 -6.53 -1.68 -14.64
CA ARG A 482 -7.69 -2.41 -14.15
C ARG A 482 -7.34 -3.87 -13.91
N GLN A 483 -6.71 -4.49 -14.90
CA GLN A 483 -6.31 -5.89 -14.79
C GLN A 483 -5.25 -6.04 -13.72
N ARG A 484 -4.45 -5.00 -13.52
CA ARG A 484 -3.39 -5.01 -12.53
C ARG A 484 -3.99 -5.00 -11.12
N ARG A 485 -4.98 -4.15 -10.91
CA ARG A 485 -5.64 -4.04 -9.62
C ARG A 485 -6.52 -5.26 -9.31
N ILE A 486 -7.11 -5.89 -10.34
CA ILE A 486 -7.91 -7.08 -10.05
C ILE A 486 -7.03 -8.16 -9.46
N LYS A 487 -5.81 -8.31 -10.01
CA LYS A 487 -4.85 -9.29 -9.50
C LYS A 487 -4.47 -9.00 -8.06
N ILE A 488 -4.22 -7.73 -7.73
CA ILE A 488 -3.88 -7.45 -6.35
C ILE A 488 -5.07 -7.73 -5.46
N LEU A 489 -6.26 -7.37 -5.92
CA LEU A 489 -7.47 -7.68 -5.15
C LEU A 489 -7.67 -9.19 -4.99
N ALA A 490 -7.60 -9.94 -6.10
CA ALA A 490 -7.79 -11.39 -5.98
C ALA A 490 -6.81 -11.98 -4.97
N ASN A 491 -5.53 -11.56 -5.01
CA ASN A 491 -4.48 -12.10 -4.14
C ASN A 491 -4.59 -11.65 -2.69
N SER A 492 -5.53 -10.78 -2.34
CA SER A 492 -5.70 -10.33 -0.96
C SER A 492 -6.68 -11.18 -0.17
N TYR A 493 -7.43 -12.09 -0.81
CA TYR A 493 -8.47 -12.80 -0.08
C TYR A 493 -7.88 -13.76 0.93
N TYR A 494 -6.82 -14.48 0.57
CA TYR A 494 -6.23 -15.41 1.50
C TYR A 494 -5.85 -14.69 2.79
N GLY A 495 -5.04 -13.63 2.68
CA GLY A 495 -4.66 -12.87 3.85
C GLY A 495 -5.85 -12.33 4.61
N TYR A 496 -6.86 -11.83 3.89
CA TYR A 496 -8.02 -11.27 4.58
C TYR A 496 -8.66 -12.30 5.49
N TYR A 497 -8.77 -13.56 5.02
CA TYR A 497 -9.40 -14.61 5.80
C TYR A 497 -8.74 -14.75 7.17
N GLY A 498 -7.43 -14.61 7.22
CA GLY A 498 -6.73 -14.71 8.48
C GLY A 498 -6.57 -13.40 9.23
N TYR A 499 -7.19 -12.32 8.75
CA TYR A 499 -7.03 -10.99 9.35
C TYR A 499 -8.02 -10.81 10.50
N ALA A 500 -7.49 -10.76 11.73
CA ALA A 500 -8.36 -10.80 12.90
C ALA A 500 -9.44 -9.72 12.90
N ARG A 501 -9.15 -8.55 12.31
CA ARG A 501 -10.11 -7.45 12.28
C ARG A 501 -11.15 -7.60 11.18
N ALA A 502 -11.05 -8.63 10.33
CA ALA A 502 -11.90 -8.71 9.15
C ALA A 502 -13.32 -9.13 9.52
N ARG A 503 -14.30 -8.55 8.82
CA ARG A 503 -15.67 -8.97 9.01
C ARG A 503 -15.85 -10.42 8.60
N TRP A 504 -15.31 -10.79 7.44
CA TRP A 504 -15.40 -12.16 6.93
C TRP A 504 -14.20 -12.99 7.31
N TYR A 505 -13.70 -12.74 8.52
CA TYR A 505 -12.62 -13.53 9.09
C TYR A 505 -12.99 -15.01 9.10
N CYS A 506 -12.02 -15.86 8.76
CA CYS A 506 -12.29 -17.30 8.85
C CYS A 506 -10.93 -18.00 8.94
N LYS A 507 -10.54 -18.36 10.16
CA LYS A 507 -9.26 -19.00 10.39
C LYS A 507 -9.22 -20.36 9.72
N GLU A 508 -10.27 -21.13 9.91
CA GLU A 508 -10.34 -22.45 9.27
C GLU A 508 -10.15 -22.31 7.77
N CYS A 509 -10.68 -21.24 7.18
CA CYS A 509 -10.49 -21.04 5.74
C CYS A 509 -9.04 -20.69 5.42
N ALA A 510 -8.45 -19.78 6.20
CA ALA A 510 -7.08 -19.39 5.93
C ALA A 510 -6.14 -20.59 5.99
N GLU A 511 -6.24 -21.38 7.07
CA GLU A 511 -5.30 -22.48 7.21
C GLU A 511 -5.62 -23.65 6.27
N SER A 512 -6.87 -23.79 5.81
CA SER A 512 -7.16 -24.81 4.78
C SER A 512 -6.52 -24.43 3.46
N VAL A 513 -6.50 -23.12 3.15
CA VAL A 513 -5.85 -22.67 1.92
C VAL A 513 -4.36 -23.00 1.97
N THR A 514 -3.68 -22.69 3.08
CA THR A 514 -2.23 -22.97 3.13
C THR A 514 -1.97 -24.48 3.15
N ALA A 515 -2.81 -25.24 3.87
CA ALA A 515 -2.66 -26.69 3.88
C ALA A 515 -2.72 -27.25 2.47
N TRP A 516 -3.75 -26.86 1.72
CA TRP A 516 -3.88 -27.31 0.35
C TRP A 516 -2.66 -26.87 -0.45
N GLY A 517 -2.17 -25.65 -0.18
CA GLY A 517 -1.00 -25.16 -0.88
C GLY A 517 0.21 -26.04 -0.64
N ARG A 518 0.45 -26.36 0.64
CA ARG A 518 1.57 -27.26 0.97
C ARG A 518 1.41 -28.59 0.25
N GLU A 519 0.22 -29.17 0.31
CA GLU A 519 0.00 -30.45 -0.34
C GLU A 519 0.36 -30.38 -1.81
N TYR A 520 -0.16 -29.38 -2.54
CA TYR A 520 0.05 -29.38 -3.98
C TYR A 520 1.51 -29.15 -4.35
N ILE A 521 2.18 -28.25 -3.61
CA ILE A 521 3.59 -27.98 -3.93
C ILE A 521 4.46 -29.19 -3.58
N THR A 522 4.19 -29.85 -2.46
CA THR A 522 5.02 -31.00 -2.12
C THR A 522 4.72 -32.20 -3.02
N MET A 523 3.45 -32.47 -3.30
CA MET A 523 3.11 -33.50 -4.27
C MET A 523 3.82 -33.25 -5.60
N THR A 524 3.76 -32.02 -6.09
CA THR A 524 4.39 -31.72 -7.37
C THR A 524 5.91 -31.94 -7.31
N ILE A 525 6.54 -31.61 -6.18
CA ILE A 525 7.98 -31.81 -6.05
C ILE A 525 8.30 -33.31 -6.07
N LYS A 526 7.57 -34.10 -5.29
CA LYS A 526 7.81 -35.54 -5.24
C LYS A 526 7.70 -36.18 -6.63
N GLU A 527 6.72 -35.75 -7.41
CA GLU A 527 6.47 -36.34 -8.72
C GLU A 527 7.57 -35.98 -9.72
N ILE A 528 8.01 -34.72 -9.72
CA ILE A 528 9.03 -34.33 -10.69
C ILE A 528 10.35 -35.03 -10.43
N GLU A 529 10.69 -35.29 -9.16
CA GLU A 529 11.93 -36.03 -8.88
C GLU A 529 11.75 -37.52 -9.16
N GLU A 530 10.68 -38.14 -8.62
CA GLU A 530 10.54 -39.58 -8.70
C GLU A 530 10.15 -40.04 -10.09
N LYS A 531 9.33 -39.26 -10.79
CA LYS A 531 8.84 -39.67 -12.10
C LYS A 531 9.68 -39.13 -13.23
N TYR A 532 10.34 -37.98 -13.06
CA TYR A 532 11.05 -37.37 -14.18
C TYR A 532 12.52 -37.17 -13.92
N GLY A 533 13.03 -37.64 -12.78
CA GLY A 533 14.45 -37.57 -12.52
C GLY A 533 15.00 -36.18 -12.29
N PHE A 534 14.17 -35.17 -12.05
CA PHE A 534 14.67 -33.85 -11.68
C PHE A 534 15.18 -33.87 -10.25
N LYS A 535 16.08 -32.92 -9.97
CA LYS A 535 16.47 -32.55 -8.63
C LYS A 535 15.90 -31.17 -8.33
N VAL A 536 15.11 -31.06 -7.27
CA VAL A 536 14.49 -29.79 -6.87
C VAL A 536 15.49 -29.02 -5.99
N ILE A 537 15.96 -27.87 -6.51
CA ILE A 537 17.02 -27.10 -5.85
C ILE A 537 16.47 -26.28 -4.69
N TYR A 538 15.27 -25.74 -4.86
CA TYR A 538 14.73 -24.74 -3.95
C TYR A 538 13.25 -24.59 -4.23
N SER A 539 12.46 -24.47 -3.17
CA SER A 539 11.04 -24.26 -3.31
C SER A 539 10.51 -23.42 -2.15
N ASP A 540 9.60 -22.50 -2.47
CA ASP A 540 9.02 -21.62 -1.45
C ASP A 540 7.57 -21.34 -1.82
N THR A 541 6.64 -21.95 -1.09
CA THR A 541 5.21 -21.65 -1.13
C THR A 541 4.49 -22.08 -2.42
N ASP A 542 4.85 -21.48 -3.57
CA ASP A 542 4.04 -21.71 -4.77
C ASP A 542 4.86 -21.91 -6.05
N GLY A 543 6.16 -22.18 -5.94
CA GLY A 543 6.97 -22.51 -7.10
C GLY A 543 8.24 -23.17 -6.63
N PHE A 544 8.97 -23.76 -7.58
CA PHE A 544 10.26 -24.33 -7.23
C PHE A 544 11.20 -24.26 -8.42
N PHE A 545 12.49 -24.31 -8.11
CA PHE A 545 13.54 -24.41 -9.10
C PHE A 545 14.03 -25.85 -9.15
N ALA A 546 14.33 -26.32 -10.35
CA ALA A 546 14.75 -27.69 -10.49
C ALA A 546 15.65 -27.79 -11.72
N THR A 547 16.39 -28.89 -11.78
CA THR A 547 17.21 -29.18 -12.95
C THR A 547 17.41 -30.69 -12.98
N ILE A 548 17.94 -31.17 -14.10
CA ILE A 548 18.34 -32.57 -14.22
C ILE A 548 19.84 -32.63 -13.97
N PRO A 549 20.29 -33.28 -12.90
CA PRO A 549 21.68 -33.14 -12.44
C PRO A 549 22.71 -33.10 -13.57
N GLY A 550 22.78 -34.13 -14.40
CA GLY A 550 23.83 -34.03 -15.39
C GLY A 550 23.41 -33.52 -16.74
N ALA A 551 22.17 -33.09 -16.89
CA ALA A 551 21.55 -32.88 -18.18
C ALA A 551 22.01 -31.58 -18.84
N ASP A 552 21.61 -31.42 -20.10
CA ASP A 552 21.84 -30.25 -20.92
C ASP A 552 20.68 -29.27 -20.78
N ALA A 553 20.85 -28.06 -21.33
CA ALA A 553 19.80 -27.05 -21.30
C ALA A 553 18.53 -27.54 -22.01
N GLU A 554 18.68 -27.98 -23.26
CA GLU A 554 17.51 -28.40 -24.02
C GLU A 554 16.80 -29.57 -23.34
N THR A 555 17.58 -30.50 -22.80
CA THR A 555 17.00 -31.62 -22.08
C THR A 555 16.14 -31.15 -20.90
N VAL A 556 16.68 -30.26 -20.07
CA VAL A 556 15.91 -29.81 -18.92
C VAL A 556 14.67 -29.07 -19.39
N LYS A 557 14.81 -28.21 -20.40
CA LYS A 557 13.65 -27.48 -20.92
C LYS A 557 12.60 -28.46 -21.47
N LYS A 558 12.99 -29.26 -22.46
CA LYS A 558 12.03 -30.19 -23.05
C LYS A 558 11.38 -31.06 -21.98
N LYS A 559 12.21 -31.60 -21.08
CA LYS A 559 11.66 -32.48 -20.05
C LYS A 559 10.77 -31.72 -19.07
N ALA A 560 11.08 -30.44 -18.82
CA ALA A 560 10.18 -29.63 -18.02
C ALA A 560 8.80 -29.56 -18.65
N MET A 561 8.74 -29.21 -19.95
CA MET A 561 7.46 -29.07 -20.63
C MET A 561 6.68 -30.39 -20.61
N GLU A 562 7.38 -31.51 -20.74
CA GLU A 562 6.73 -32.82 -20.64
C GLU A 562 6.14 -33.02 -19.26
N PHE A 563 6.89 -32.66 -18.21
CA PHE A 563 6.37 -32.83 -16.86
C PHE A 563 5.13 -31.96 -16.62
N LEU A 564 5.12 -30.74 -17.17
CA LEU A 564 3.95 -29.88 -17.03
C LEU A 564 2.72 -30.55 -17.62
N LYS A 565 2.82 -31.06 -18.85
CA LYS A 565 1.71 -31.81 -19.43
C LYS A 565 1.25 -32.90 -18.48
N TYR A 566 2.20 -33.71 -17.99
CA TYR A 566 1.86 -34.78 -17.06
C TYR A 566 1.13 -34.23 -15.84
N ILE A 567 1.72 -33.23 -15.17
CA ILE A 567 1.22 -32.84 -13.86
C ILE A 567 -0.11 -32.09 -13.96
N ASN A 568 -0.27 -31.25 -15.00
CA ASN A 568 -1.49 -30.48 -15.06
C ASN A 568 -2.70 -31.37 -15.34
N ALA A 569 -2.51 -32.52 -15.99
CA ALA A 569 -3.58 -33.50 -16.12
C ALA A 569 -3.99 -34.05 -14.76
N LYS A 570 -3.05 -34.10 -13.81
CA LYS A 570 -3.34 -34.59 -12.47
C LYS A 570 -3.89 -33.51 -11.53
N LEU A 571 -3.80 -32.27 -11.89
CA LEU A 571 -4.23 -31.32 -10.87
C LEU A 571 -5.72 -30.98 -11.02
N PRO A 572 -6.45 -30.84 -9.91
CA PRO A 572 -7.89 -30.56 -9.98
C PRO A 572 -8.25 -29.12 -10.33
N GLY A 573 -9.33 -28.98 -11.10
CA GLY A 573 -9.98 -27.69 -11.27
C GLY A 573 -9.06 -26.60 -11.75
N ALA A 574 -9.05 -25.50 -11.00
CA ALA A 574 -8.30 -24.31 -11.42
C ALA A 574 -6.82 -24.39 -11.07
N LEU A 575 -6.37 -25.41 -10.34
CA LEU A 575 -4.94 -25.48 -10.03
C LEU A 575 -4.18 -25.70 -11.33
N GLU A 576 -3.03 -25.04 -11.48
CA GLU A 576 -2.28 -25.19 -12.72
C GLU A 576 -0.82 -24.82 -12.48
N LEU A 577 0.08 -25.72 -12.86
CA LEU A 577 1.50 -25.43 -12.79
C LEU A 577 1.95 -24.91 -14.15
N GLU A 578 2.82 -23.89 -14.15
CA GLU A 578 3.27 -23.29 -15.40
C GLU A 578 4.79 -23.19 -15.47
N TYR A 579 5.26 -23.03 -16.70
CA TYR A 579 6.68 -22.82 -17.00
C TYR A 579 7.00 -21.34 -16.85
N GLU A 580 7.56 -20.96 -15.70
CA GLU A 580 7.80 -19.53 -15.46
C GLU A 580 9.02 -19.03 -16.22
N GLY A 581 10.11 -19.78 -16.23
CA GLY A 581 11.30 -19.33 -16.93
C GLY A 581 12.43 -20.33 -16.83
N PHE A 582 13.39 -20.16 -17.74
CA PHE A 582 14.64 -20.89 -17.73
C PHE A 582 15.77 -19.95 -17.29
N TYR A 583 16.70 -20.46 -16.47
CA TYR A 583 17.79 -19.65 -15.97
C TYR A 583 19.10 -20.38 -16.14
N LYS A 584 20.06 -19.72 -16.81
CA LYS A 584 21.33 -20.36 -17.11
C LYS A 584 22.09 -20.71 -15.85
N ARG A 585 22.10 -19.80 -14.88
CA ARG A 585 22.74 -20.05 -13.60
C ARG A 585 21.84 -19.50 -12.50
N GLY A 586 21.96 -20.10 -11.33
CA GLY A 586 21.34 -19.55 -10.13
C GLY A 586 22.24 -19.84 -8.94
N PHE A 587 22.26 -18.92 -7.99
CA PHE A 587 22.98 -19.13 -6.74
C PHE A 587 21.99 -19.02 -5.59
N PHE A 588 21.99 -20.04 -4.73
CA PHE A 588 21.01 -20.18 -3.65
C PHE A 588 21.77 -20.16 -2.34
N VAL A 589 21.61 -19.08 -1.58
CA VAL A 589 22.34 -18.94 -0.33
C VAL A 589 21.65 -19.66 0.80
N THR A 590 20.37 -19.38 0.99
CA THR A 590 19.63 -19.86 2.14
C THR A 590 18.15 -19.74 1.81
N LYS A 591 17.29 -20.14 2.74
CA LYS A 591 15.87 -19.99 2.54
C LYS A 591 15.56 -18.50 2.38
N LYS A 592 14.80 -18.17 1.33
CA LYS A 592 14.38 -16.81 1.03
C LYS A 592 15.49 -15.94 0.43
N LYS A 593 16.64 -16.51 0.08
CA LYS A 593 17.78 -15.68 -0.35
C LYS A 593 18.50 -16.35 -1.50
N TYR A 594 18.32 -15.82 -2.72
CA TYR A 594 18.95 -16.40 -3.90
C TYR A 594 18.97 -15.37 -5.01
N ALA A 595 19.76 -15.65 -6.04
CA ALA A 595 19.70 -14.87 -7.26
C ALA A 595 19.83 -15.79 -8.47
N VAL A 596 19.10 -15.47 -9.53
CA VAL A 596 19.13 -16.24 -10.77
C VAL A 596 19.31 -15.28 -11.95
N ILE A 597 19.78 -15.81 -13.07
CA ILE A 597 20.03 -15.04 -14.27
C ILE A 597 19.39 -15.75 -15.46
N ASP A 598 18.61 -15.01 -16.25
CA ASP A 598 17.95 -15.61 -17.41
C ASP A 598 18.92 -15.66 -18.60
N GLU A 599 18.44 -16.16 -19.73
CA GLU A 599 19.34 -16.32 -20.88
C GLU A 599 19.81 -14.97 -21.41
N GLU A 600 18.93 -13.96 -21.41
CA GLU A 600 19.29 -12.64 -21.92
C GLU A 600 20.30 -11.91 -21.04
N GLY A 601 20.58 -12.42 -19.84
CA GLY A 601 21.53 -11.80 -18.94
C GLY A 601 20.91 -11.07 -17.76
N LYS A 602 19.58 -10.96 -17.70
CA LYS A 602 18.93 -10.29 -16.58
C LYS A 602 19.08 -11.10 -15.30
N ILE A 603 19.34 -10.41 -14.19
CA ILE A 603 19.54 -11.05 -12.90
C ILE A 603 18.35 -10.71 -12.01
N THR A 604 17.73 -11.73 -11.43
CA THR A 604 16.61 -11.59 -10.50
C THR A 604 17.10 -11.99 -9.11
N THR A 605 16.94 -11.11 -8.13
CA THR A 605 17.43 -11.37 -6.78
C THR A 605 16.27 -11.35 -5.80
N ARG A 606 16.28 -12.29 -4.85
CA ARG A 606 15.24 -12.41 -3.83
C ARG A 606 15.89 -12.42 -2.45
N GLY A 607 15.41 -11.55 -1.57
CA GLY A 607 15.82 -11.57 -0.17
C GLY A 607 17.23 -11.13 0.15
N LEU A 608 18.13 -11.25 -0.82
CA LEU A 608 19.53 -10.89 -0.59
C LEU A 608 19.65 -9.42 -0.19
N GLU A 609 20.81 -9.07 0.37
CA GLU A 609 21.03 -7.70 0.84
C GLU A 609 20.83 -6.69 -0.30
N ILE A 610 21.14 -7.07 -1.53
CA ILE A 610 20.94 -6.18 -2.67
C ILE A 610 19.53 -5.57 -2.65
N VAL A 611 18.53 -6.34 -2.23
CA VAL A 611 17.15 -5.85 -2.28
C VAL A 611 16.66 -5.34 -0.94
N ARG A 612 17.50 -5.30 0.09
CA ARG A 612 17.05 -4.83 1.39
C ARG A 612 17.35 -3.35 1.51
N ARG A 613 16.36 -2.56 1.90
CA ARG A 613 16.59 -1.13 2.03
C ARG A 613 17.31 -0.73 3.32
N ASP A 614 17.67 -1.69 4.16
CA ASP A 614 18.34 -1.34 5.41
C ASP A 614 19.85 -1.64 5.41
N TRP A 615 20.44 -1.95 4.26
CA TRP A 615 21.87 -2.20 4.15
C TRP A 615 22.56 -1.08 3.37
N SER A 616 23.85 -0.87 3.62
CA SER A 616 24.54 0.24 2.98
C SER A 616 24.71 -0.01 1.48
N GLU A 617 24.68 1.08 0.71
CA GLU A 617 24.87 1.00 -0.74
C GLU A 617 26.18 0.28 -1.07
N ILE A 618 27.21 0.47 -0.25
CA ILE A 618 28.50 -0.14 -0.54
C ILE A 618 28.41 -1.67 -0.45
N ALA A 619 27.72 -2.17 0.58
CA ALA A 619 27.50 -3.61 0.70
C ALA A 619 26.67 -4.13 -0.47
N LYS A 620 25.54 -3.48 -0.73
CA LYS A 620 24.64 -3.92 -1.79
C LYS A 620 25.32 -3.92 -3.15
N GLU A 621 25.93 -2.79 -3.52
CA GLU A 621 26.63 -2.71 -4.79
C GLU A 621 27.65 -3.81 -4.93
N THR A 622 28.44 -4.03 -3.87
CA THR A 622 29.46 -5.06 -3.91
C THR A 622 28.85 -6.46 -4.06
N GLN A 623 27.76 -6.75 -3.37
CA GLN A 623 27.16 -8.07 -3.51
C GLN A 623 26.61 -8.25 -4.92
N ALA A 624 26.04 -7.19 -5.49
CA ALA A 624 25.50 -7.27 -6.84
C ALA A 624 26.60 -7.48 -7.87
N ARG A 625 27.81 -6.97 -7.58
CA ARG A 625 28.92 -7.19 -8.49
C ARG A 625 29.49 -8.59 -8.35
N VAL A 626 29.48 -9.13 -7.13
CA VAL A 626 29.93 -10.52 -6.94
C VAL A 626 28.99 -11.48 -7.66
N LEU A 627 27.69 -11.25 -7.50
CA LEU A 627 26.71 -12.13 -8.12
C LEU A 627 26.77 -12.05 -9.64
N GLU A 628 27.01 -10.85 -10.18
CA GLU A 628 27.08 -10.71 -11.63
C GLU A 628 28.25 -11.50 -12.21
N ALA A 629 29.43 -11.37 -11.62
CA ALA A 629 30.58 -12.13 -12.09
C ALA A 629 30.35 -13.63 -12.01
N LEU A 630 29.59 -14.08 -11.01
CA LEU A 630 29.31 -15.50 -10.85
C LEU A 630 28.24 -15.97 -11.82
N LEU A 631 27.11 -15.27 -11.85
CA LEU A 631 26.00 -15.67 -12.71
C LEU A 631 26.33 -15.44 -14.17
N LYS A 632 26.88 -14.26 -14.50
CA LYS A 632 27.09 -13.86 -15.88
C LYS A 632 28.29 -14.57 -16.50
N ASP A 633 29.35 -14.76 -15.71
CA ASP A 633 30.58 -15.33 -16.22
C ASP A 633 31.01 -16.61 -15.50
N GLY A 634 30.29 -17.04 -14.46
CA GLY A 634 30.71 -18.20 -13.69
C GLY A 634 32.15 -18.08 -13.23
N ASP A 635 32.60 -16.85 -12.98
CA ASP A 635 34.01 -16.53 -12.72
C ASP A 635 34.19 -16.18 -11.24
N VAL A 636 34.52 -17.21 -10.44
CA VAL A 636 34.67 -17.01 -9.02
C VAL A 636 35.82 -16.06 -8.73
N GLU A 637 36.99 -16.32 -9.35
CA GLU A 637 38.16 -15.49 -9.13
C GLU A 637 37.84 -14.00 -9.29
N LYS A 638 37.27 -13.63 -10.43
CA LYS A 638 36.93 -12.22 -10.66
C LYS A 638 36.10 -11.66 -9.52
N ALA A 639 35.17 -12.47 -8.98
CA ALA A 639 34.39 -12.04 -7.85
C ALA A 639 35.29 -11.66 -6.68
N VAL A 640 36.22 -12.56 -6.31
CA VAL A 640 37.05 -12.32 -5.14
C VAL A 640 37.92 -11.07 -5.35
N ARG A 641 38.44 -10.90 -6.56
CA ARG A 641 39.16 -9.66 -6.87
C ARG A 641 38.29 -8.44 -6.61
N ILE A 642 36.99 -8.54 -6.84
CA ILE A 642 36.10 -7.38 -6.62
C ILE A 642 35.99 -7.08 -5.13
N VAL A 643 35.86 -8.12 -4.30
CA VAL A 643 35.75 -7.88 -2.86
C VAL A 643 37.04 -7.28 -2.31
N LYS A 644 38.19 -7.74 -2.82
CA LYS A 644 39.46 -7.24 -2.34
C LYS A 644 39.62 -5.76 -2.66
N GLU A 645 39.30 -5.36 -3.90
CA GLU A 645 39.39 -3.96 -4.28
C GLU A 645 38.46 -3.08 -3.45
N VAL A 646 37.35 -3.64 -2.96
CA VAL A 646 36.42 -2.85 -2.17
C VAL A 646 36.90 -2.68 -0.75
N THR A 647 37.42 -3.75 -0.14
CA THR A 647 37.97 -3.64 1.21
C THR A 647 39.19 -2.73 1.25
N GLU A 648 39.99 -2.72 0.18
CA GLU A 648 41.09 -1.77 0.10
C GLU A 648 40.57 -0.34 0.09
N LYS A 649 39.63 -0.03 -0.80
CA LYS A 649 39.10 1.32 -0.87
C LYS A 649 38.55 1.76 0.49
N LEU A 650 37.79 0.90 1.15
CA LEU A 650 37.26 1.26 2.47
C LEU A 650 38.40 1.55 3.44
N SER A 651 39.42 0.68 3.45
CA SER A 651 40.56 0.85 4.33
C SER A 651 41.23 2.21 4.15
N LYS A 652 41.32 2.67 2.92
CA LYS A 652 41.94 3.96 2.64
C LYS A 652 41.00 5.13 2.86
N TYR A 653 39.71 4.88 3.09
CA TYR A 653 38.70 5.94 3.18
C TYR A 653 38.39 6.54 1.83
N GLU A 654 38.53 5.75 0.76
CA GLU A 654 38.24 6.16 -0.61
C GLU A 654 36.78 6.03 -0.99
N VAL A 655 35.96 5.37 -0.17
CA VAL A 655 34.57 5.11 -0.56
C VAL A 655 33.73 6.35 -0.27
N PRO A 656 32.95 6.83 -1.24
CA PRO A 656 32.11 8.02 -1.01
C PRO A 656 31.22 7.85 0.20
N PRO A 657 31.30 8.76 1.16
CA PRO A 657 30.48 8.63 2.38
C PRO A 657 29.03 8.33 2.09
N GLU A 658 28.48 8.86 0.99
CA GLU A 658 27.07 8.62 0.64
C GLU A 658 26.77 7.13 0.56
N LYS A 659 27.71 6.35 0.06
CA LYS A 659 27.44 4.92 -0.10
C LYS A 659 27.48 4.17 1.22
N LEU A 660 27.76 4.86 2.32
CA LEU A 660 27.87 4.22 3.64
C LEU A 660 26.64 4.45 4.50
N VAL A 661 25.61 5.08 3.96
CA VAL A 661 24.46 5.50 4.78
C VAL A 661 23.55 4.30 5.00
N ILE A 662 23.05 4.17 6.23
CA ILE A 662 22.14 3.08 6.60
C ILE A 662 20.78 3.70 6.88
N HIS A 663 19.76 3.26 6.13
CA HIS A 663 18.42 3.80 6.26
C HIS A 663 17.56 2.78 7.00
N ILE A 664 17.04 3.16 8.16
CA ILE A 664 16.16 2.29 8.94
C ILE A 664 14.99 3.10 9.45
N GLN A 665 13.79 2.53 9.30
CA GLN A 665 12.57 3.20 9.67
C GLN A 665 12.30 3.07 11.17
N ILE A 666 11.78 4.13 11.77
CA ILE A 666 11.26 4.04 13.13
C ILE A 666 9.86 3.45 13.06
N THR A 667 9.68 2.31 13.71
CA THR A 667 8.47 1.52 13.54
C THR A 667 7.40 1.84 14.55
N ARG A 668 7.75 2.56 15.61
CA ARG A 668 6.84 2.81 16.70
C ARG A 668 7.15 4.19 17.29
N ASP A 669 6.36 4.56 18.29
CA ASP A 669 6.69 5.71 19.11
C ASP A 669 8.00 5.45 19.84
N LEU A 670 8.86 6.48 19.85
CA LEU A 670 10.20 6.33 20.42
C LEU A 670 10.15 5.85 21.86
N LYS A 671 9.06 6.15 22.58
CA LYS A 671 8.95 5.75 23.98
C LYS A 671 8.67 4.27 24.13
N ASP A 672 8.12 3.62 23.11
CA ASP A 672 7.70 2.23 23.22
C ASP A 672 8.86 1.23 23.09
N TYR A 673 9.96 1.62 22.45
CA TYR A 673 11.09 0.71 22.25
C TYR A 673 11.51 0.06 23.56
N LYS A 674 11.59 -1.28 23.54
CA LYS A 674 12.16 -2.02 24.67
C LYS A 674 13.68 -1.92 24.65
N ALA A 675 14.30 -2.14 23.49
CA ALA A 675 15.73 -2.02 23.31
C ALA A 675 16.02 -0.94 22.26
N THR A 676 17.20 -0.34 22.34
CA THR A 676 17.57 0.75 21.43
C THR A 676 18.80 0.37 20.63
N GLY A 677 18.61 0.07 19.34
CA GLY A 677 19.70 -0.10 18.40
C GLY A 677 20.16 1.24 17.83
N PRO A 678 21.15 1.20 16.92
CA PRO A 678 21.74 2.46 16.43
C PRO A 678 20.75 3.47 15.87
N HIS A 679 19.84 3.04 15.00
CA HIS A 679 18.92 4.01 14.41
C HIS A 679 18.04 4.63 15.49
N VAL A 680 17.76 3.87 16.55
CA VAL A 680 17.01 4.40 17.68
C VAL A 680 17.86 5.36 18.49
N ALA A 681 19.11 4.99 18.78
CA ALA A 681 20.01 5.92 19.47
C ALA A 681 20.03 7.26 18.75
N VAL A 682 20.20 7.23 17.43
CA VAL A 682 20.24 8.46 16.66
C VAL A 682 18.91 9.20 16.79
N ALA A 683 17.79 8.48 16.64
CA ALA A 683 16.48 9.13 16.68
C ALA A 683 16.27 9.84 18.01
N LYS A 684 16.70 9.21 19.12
CA LYS A 684 16.49 9.81 20.44
C LYS A 684 17.27 11.11 20.59
N ARG A 685 18.53 11.13 20.14
CA ARG A 685 19.29 12.37 20.21
C ARG A 685 18.62 13.47 19.40
N LEU A 686 17.99 13.11 18.28
CA LEU A 686 17.34 14.14 17.46
C LEU A 686 16.11 14.67 18.16
N ALA A 687 15.28 13.78 18.71
CA ALA A 687 14.16 14.26 19.52
C ALA A 687 14.66 15.24 20.57
N ALA A 688 15.80 14.94 21.20
CA ALA A 688 16.34 15.76 22.27
C ALA A 688 16.72 17.16 21.77
N ARG A 689 17.18 17.27 20.53
CA ARG A 689 17.32 18.56 19.87
C ARG A 689 15.98 19.17 19.43
N GLY A 690 14.83 18.66 19.88
CA GLY A 690 13.56 19.17 19.44
C GLY A 690 13.12 18.72 18.06
N VAL A 691 13.89 17.85 17.40
CA VAL A 691 13.47 17.29 16.11
C VAL A 691 12.32 16.32 16.34
N LYS A 692 11.28 16.41 15.51
CA LYS A 692 10.14 15.53 15.66
C LYS A 692 10.42 14.20 14.96
N ILE A 693 10.09 13.11 15.66
CA ILE A 693 10.28 11.75 15.18
C ILE A 693 8.97 11.02 15.45
N ARG A 694 8.25 10.66 14.39
CA ARG A 694 7.04 9.89 14.49
C ARG A 694 7.20 8.54 13.79
N PRO A 695 6.35 7.57 14.12
CA PRO A 695 6.44 6.26 13.48
C PRO A 695 6.35 6.41 11.97
N GLY A 696 7.27 5.77 11.26
CA GLY A 696 7.43 5.97 9.84
C GLY A 696 8.58 6.85 9.45
N THR A 697 9.19 7.54 10.42
CA THR A 697 10.35 8.37 10.11
C THR A 697 11.52 7.48 9.74
N VAL A 698 12.21 7.81 8.66
CA VAL A 698 13.37 7.05 8.23
C VAL A 698 14.62 7.74 8.78
N ILE A 699 15.38 6.98 9.56
CA ILE A 699 16.66 7.44 10.11
C ILE A 699 17.75 7.03 9.12
N SER A 700 18.54 8.01 8.68
CA SER A 700 19.66 7.77 7.76
C SER A 700 20.94 8.11 8.50
N TYR A 701 21.76 7.10 8.79
CA TYR A 701 22.90 7.33 9.66
C TYR A 701 24.17 6.73 9.07
N ILE A 702 25.29 7.21 9.58
CA ILE A 702 26.59 6.70 9.20
C ILE A 702 27.35 6.40 10.48
N VAL A 703 28.19 5.38 10.46
CA VAL A 703 28.92 4.94 11.65
C VAL A 703 30.31 5.57 11.65
N LEU A 704 30.61 6.36 12.70
CA LEU A 704 31.88 7.06 12.78
C LEU A 704 32.97 6.18 13.37
N LYS A 705 34.22 6.45 12.96
CA LYS A 705 35.35 5.67 13.45
C LYS A 705 35.44 5.73 14.97
N GLY A 706 35.59 4.56 15.59
CA GLY A 706 35.62 4.48 17.04
C GLY A 706 35.47 3.03 17.48
N SER A 707 35.13 2.84 18.75
CA SER A 707 34.96 1.50 19.29
C SER A 707 33.80 1.46 20.27
N GLY A 708 33.29 0.27 20.50
CA GLY A 708 32.19 0.05 21.41
C GLY A 708 30.85 -0.03 20.71
N ARG A 709 29.80 0.25 21.49
CA ARG A 709 28.45 0.23 20.94
C ARG A 709 28.38 1.05 19.67
N ILE A 710 27.82 0.44 18.63
CA ILE A 710 27.71 1.11 17.34
C ILE A 710 26.84 2.36 17.47
N GLY A 711 25.80 2.28 18.28
CA GLY A 711 24.89 3.39 18.44
C GLY A 711 25.55 4.67 18.95
N ASP A 712 26.67 4.54 19.70
CA ASP A 712 27.35 5.70 20.23
C ASP A 712 28.20 6.41 19.18
N ARG A 713 28.57 5.71 18.11
CA ARG A 713 29.38 6.28 17.04
C ARG A 713 28.56 6.65 15.82
N ALA A 714 27.25 6.39 15.84
CA ALA A 714 26.38 6.65 14.70
C ALA A 714 25.87 8.08 14.75
N ILE A 715 25.81 8.72 13.58
CA ILE A 715 25.26 10.07 13.49
C ILE A 715 24.37 10.18 12.27
N PRO A 716 23.40 11.09 12.30
CA PRO A 716 22.64 11.37 11.08
C PRO A 716 23.60 11.77 9.98
N PHE A 717 23.38 11.23 8.79
CA PHE A 717 24.31 11.51 7.70
C PHE A 717 24.38 13.01 7.37
N ASP A 718 23.28 13.74 7.57
CA ASP A 718 23.33 15.18 7.29
C ASP A 718 24.28 15.92 8.23
N GLU A 719 24.51 15.41 9.44
CA GLU A 719 25.52 15.97 10.35
C GLU A 719 26.93 15.50 10.02
N PHE A 720 27.11 14.65 9.03
CA PHE A 720 28.45 14.14 8.72
C PHE A 720 29.29 15.24 8.10
N ASP A 721 30.49 15.44 8.64
CA ASP A 721 31.42 16.46 8.16
C ASP A 721 32.80 15.82 8.02
N PRO A 722 33.25 15.53 6.80
CA PRO A 722 34.48 14.72 6.67
C PRO A 722 35.68 15.32 7.36
N THR A 723 35.72 16.65 7.50
CA THR A 723 36.86 17.30 8.15
C THR A 723 36.88 16.99 9.63
N LYS A 724 35.71 16.89 10.27
CA LYS A 724 35.66 16.69 11.71
C LYS A 724 35.74 15.21 12.09
N HIS A 725 34.93 14.38 11.44
CA HIS A 725 34.93 12.95 11.76
C HIS A 725 35.06 12.02 10.55
N LYS A 726 35.85 10.96 10.74
CA LYS A 726 36.07 9.94 9.73
C LYS A 726 35.09 8.79 9.90
N TYR A 727 34.70 8.18 8.78
CA TYR A 727 33.82 7.04 8.95
C TYR A 727 34.61 5.83 9.42
N ASP A 728 33.88 4.85 9.93
CA ASP A 728 34.50 3.66 10.51
C ASP A 728 34.71 2.64 9.39
N ALA A 729 35.92 2.66 8.82
CA ALA A 729 36.24 1.72 7.74
C ALA A 729 36.10 0.28 8.23
N GLU A 730 36.51 0.02 9.48
CA GLU A 730 36.45 -1.34 9.99
C GLU A 730 35.02 -1.85 10.06
N TYR A 731 34.10 -1.01 10.55
CA TYR A 731 32.71 -1.44 10.66
C TYR A 731 32.14 -1.83 9.30
N TYR A 732 32.35 -0.97 8.31
CA TYR A 732 31.77 -1.24 7.01
C TYR A 732 32.43 -2.44 6.33
N ILE A 733 33.71 -2.69 6.60
CA ILE A 733 34.35 -3.90 6.08
C ILE A 733 33.81 -5.13 6.82
N GLU A 734 33.81 -5.07 8.16
CA GLU A 734 33.54 -6.26 8.95
C GLU A 734 32.07 -6.52 9.22
N ASN A 735 31.24 -5.49 9.21
CA ASN A 735 29.81 -5.66 9.51
C ASN A 735 28.91 -5.48 8.31
N GLN A 736 29.40 -4.95 7.19
CA GLN A 736 28.55 -4.73 6.02
C GLN A 736 29.08 -5.53 4.83
N VAL A 737 30.26 -5.22 4.31
CA VAL A 737 30.69 -5.83 3.06
C VAL A 737 30.94 -7.33 3.23
N LEU A 738 31.88 -7.69 4.11
CA LEU A 738 32.31 -9.09 4.17
C LEU A 738 31.17 -10.03 4.50
N PRO A 739 30.33 -9.77 5.51
CA PRO A 739 29.22 -10.70 5.79
C PRO A 739 28.31 -10.94 4.59
N ALA A 740 28.04 -9.90 3.81
CA ALA A 740 27.13 -10.03 2.68
C ALA A 740 27.76 -10.83 1.55
N VAL A 741 29.03 -10.55 1.23
CA VAL A 741 29.68 -11.30 0.17
C VAL A 741 30.18 -12.64 0.69
N GLU A 742 30.57 -12.68 1.96
CA GLU A 742 31.11 -13.91 2.53
C GLU A 742 30.11 -15.05 2.40
N ARG A 743 28.84 -14.79 2.71
CA ARG A 743 27.85 -15.87 2.66
C ARG A 743 27.70 -16.45 1.26
N ILE A 744 28.22 -15.76 0.25
CA ILE A 744 28.21 -16.30 -1.11
C ILE A 744 29.51 -17.06 -1.40
N LEU A 745 30.63 -16.48 -1.00
CA LEU A 745 31.93 -17.04 -1.33
C LEU A 745 32.32 -18.24 -0.47
N ARG A 746 31.65 -18.46 0.65
CA ARG A 746 31.94 -19.64 1.42
C ARG A 746 31.68 -20.91 0.59
N ALA A 747 30.84 -20.83 -0.44
CA ALA A 747 30.58 -22.01 -1.26
C ALA A 747 31.73 -22.33 -2.20
N PHE A 748 32.59 -21.36 -2.50
CA PHE A 748 33.81 -21.63 -3.24
C PHE A 748 35.00 -21.88 -2.32
N GLY A 749 34.76 -22.06 -1.01
CA GLY A 749 35.82 -22.31 -0.06
C GLY A 749 36.52 -21.09 0.50
N TYR A 750 36.33 -19.90 -0.07
CA TYR A 750 37.08 -18.73 0.38
C TYR A 750 36.72 -18.34 1.82
N ARG A 751 37.75 -17.95 2.57
CA ARG A 751 37.64 -17.56 3.97
C ARG A 751 37.37 -16.07 4.08
N LYS A 752 36.87 -15.72 5.26
CA LYS A 752 36.65 -14.35 5.69
C LYS A 752 38.01 -13.77 6.06
N GLU A 753 39.02 -14.64 6.27
CA GLU A 753 40.41 -14.23 6.58
C GLU A 753 40.72 -13.46 5.32
N ASP A 754 40.34 -14.12 4.24
CA ASP A 754 40.26 -13.58 2.90
C ASP A 754 38.81 -13.19 2.62
N LEU A 755 38.63 -12.06 1.93
CA LEU A 755 39.74 -11.24 1.48
C LEU A 755 39.70 -9.86 2.11
N ARG A 756 40.80 -9.48 2.77
CA ARG A 756 40.90 -8.18 3.42
C ARG A 756 42.05 -7.36 2.84
N TYR A 757 42.58 -6.45 3.65
CA TYR A 757 43.68 -5.60 3.23
C TYR A 757 44.58 -5.23 4.41
P FA2 C 12 12.04 -10.06 -1.45
OP1 FA2 C 12 12.90 -10.50 -2.58
OP2 FA2 C 12 11.10 -9.02 -1.92
O3' FA2 C 12 11.23 -11.27 -0.77
N9 FA2 C 12 8.95 -12.78 0.99
C4 FA2 C 12 8.24 -13.38 2.05
N3 FA2 C 12 7.90 -14.70 2.63
C2 FA2 C 12 7.02 -14.42 3.84
N1 FA2 C 12 6.70 -13.18 4.22
C6 FA2 C 12 7.01 -12.21 3.72
N6 FA2 C 12 6.51 -11.01 4.31
C5 FA2 C 12 7.69 -12.16 2.76
N7 FA2 C 12 8.24 -11.08 1.95
C8 FA2 C 12 8.90 -11.53 1.03
C2' FA2 C 12 9.91 -13.15 -1.29
C4' FA2 C 12 12.05 -13.42 -0.28
O4' FA2 C 12 11.00 -13.86 0.73
C1' FA2 C 12 9.69 -13.65 0.08
C3' FA2 C 12 11.25 -12.61 -1.28
O2' FA2 C 12 9.88 -14.12 -2.04
P FA2 C 13 9.19 -14.28 -3.50
OP1 FA2 C 13 9.70 -15.28 -4.47
OP2 FA2 C 13 9.16 -13.00 -4.27
O3' FA2 C 13 7.65 -14.61 -3.20
N9 FA2 C 13 5.70 -14.47 -0.49
C4 FA2 C 13 4.93 -14.41 0.71
N3 FA2 C 13 4.25 -15.26 1.73
C2 FA2 C 13 3.61 -14.29 2.72
N1 FA2 C 13 3.72 -12.97 2.60
C6 FA2 C 13 4.26 -12.37 1.80
N6 FA2 C 13 4.20 -10.93 1.91
C5 FA2 C 13 4.83 -12.89 0.92
N7 FA2 C 13 5.58 -12.38 -0.21
C8 FA2 C 13 6.01 -13.32 -0.91
C2' FA2 C 13 5.87 -15.95 -2.50
C4' FA2 C 13 8.06 -16.67 -1.97
O4' FA2 C 13 7.43 -16.17 -0.69
C1' FA2 C 13 6.04 -15.80 -1.03
C3' FA2 C 13 7.21 -15.96 -3.03
O2' FA2 C 13 5.37 -17.02 -2.75
#